data_1ZOI
#
_entry.id   1ZOI
#
_cell.length_a   50.556
_cell.length_b   98.108
_cell.length_c   153.63
_cell.angle_alpha   90.00
_cell.angle_beta   90.00
_cell.angle_gamma   90.00
#
_symmetry.space_group_name_H-M   'P 21 21 21'
#
loop_
_entity.id
_entity.type
_entity.pdbx_description
1 polymer esterase
2 water water
#
_entity_poly.entity_id   1
_entity_poly.type   'polypeptide(L)'
_entity_poly.pdbx_seq_one_letter_code
;MSYVTTKDGVQIFYKDWGPRDAPVIHFHHGWPLSADDWDAQLLFFLAHGYRVVAHDRRGHGRSSQVWDGHDMDHYADDVA
AVVAHLGIQGAVHVGHSTGGGEVVRYMARHPEDKVAKAVLIAAVPPLMVQTPGNPGGLPKSVFDGFQAQVASNRAQFYRD
VPAGPFYGYNRPGVEASEGIIGNWWRQGMIGSAKAHYDGIVAFSQTDFTEDLKGIQQPVLVMHGDDDQIVPYENSGVLSA
KLLPNGALKTYKGYPHGMPTTHADVINADLLAFIRS
;
_entity_poly.pdbx_strand_id   A,B,C
#
# COMPACT_ATOMS: atom_id res chain seq x y z
N SER A 2 -7.56 1.47 -13.05
CA SER A 2 -7.24 1.35 -14.50
C SER A 2 -5.97 2.12 -14.84
N TYR A 3 -5.44 1.89 -16.03
CA TYR A 3 -4.22 2.54 -16.47
C TYR A 3 -4.27 2.99 -17.92
N VAL A 4 -3.48 4.02 -18.24
CA VAL A 4 -3.35 4.49 -19.59
C VAL A 4 -1.85 4.66 -19.81
N THR A 5 -1.37 4.35 -21.00
CA THR A 5 0.04 4.50 -21.30
C THR A 5 0.23 5.82 -22.04
N THR A 6 1.13 6.65 -21.54
CA THR A 6 1.40 7.94 -22.16
C THR A 6 2.30 7.79 -23.38
N LYS A 7 2.46 8.90 -24.11
CA LYS A 7 3.30 8.91 -25.31
C LYS A 7 4.71 8.47 -24.95
N ASP A 8 5.19 8.92 -23.79
CA ASP A 8 6.54 8.58 -23.36
C ASP A 8 6.68 7.31 -22.53
N GLY A 9 5.70 6.41 -22.64
CA GLY A 9 5.74 5.14 -21.94
C GLY A 9 5.48 5.09 -20.44
N VAL A 10 4.78 6.07 -19.90
CA VAL A 10 4.49 6.08 -18.47
C VAL A 10 3.12 5.49 -18.21
N GLN A 11 2.98 4.68 -17.16
CA GLN A 11 1.69 4.10 -16.82
C GLN A 11 1.03 5.02 -15.80
N ILE A 12 -0.10 5.60 -16.19
CA ILE A 12 -0.83 6.52 -15.32
C ILE A 12 -2.07 5.80 -14.79
N PHE A 13 -2.15 5.67 -13.48
CA PHE A 13 -3.28 5.02 -12.84
C PHE A 13 -4.40 6.03 -12.69
N TYR A 14 -5.65 5.58 -12.83
CA TYR A 14 -6.76 6.49 -12.64
C TYR A 14 -8.01 5.77 -12.17
N LYS A 15 -8.92 6.55 -11.60
CA LYS A 15 -10.21 6.06 -11.12
C LYS A 15 -11.25 6.72 -12.01
N ASP A 16 -12.28 5.97 -12.36
CA ASP A 16 -13.34 6.50 -13.21
C ASP A 16 -14.63 5.90 -12.70
N TRP A 17 -15.41 6.72 -12.00
CA TRP A 17 -16.66 6.26 -11.40
C TRP A 17 -17.90 7.03 -11.86
N GLY A 18 -19.02 6.32 -11.94
CA GLY A 18 -20.25 6.95 -12.34
C GLY A 18 -20.77 6.51 -13.68
N PRO A 19 -22.01 6.86 -14.02
CA PRO A 19 -22.59 6.47 -15.31
C PRO A 19 -21.70 6.98 -16.44
N ARG A 20 -21.39 6.12 -17.40
CA ARG A 20 -20.54 6.49 -18.52
C ARG A 20 -21.04 7.74 -19.24
N ASP A 21 -22.36 7.94 -19.24
CA ASP A 21 -22.94 9.10 -19.93
C ASP A 21 -23.25 10.30 -19.06
N ALA A 22 -22.78 10.29 -17.81
CA ALA A 22 -23.03 11.39 -16.90
C ALA A 22 -21.99 12.51 -17.03
N PRO A 23 -22.35 13.74 -16.65
CA PRO A 23 -21.44 14.89 -16.72
C PRO A 23 -20.18 14.60 -15.90
N VAL A 24 -19.01 14.89 -16.49
CA VAL A 24 -17.73 14.59 -15.86
C VAL A 24 -17.00 15.68 -15.09
N ILE A 25 -16.41 15.28 -13.97
CA ILE A 25 -15.58 16.17 -13.16
C ILE A 25 -14.28 15.40 -12.97
N HIS A 26 -13.18 16.00 -13.43
CA HIS A 26 -11.84 15.41 -13.36
C HIS A 26 -11.10 16.09 -12.21
N PHE A 27 -10.67 15.31 -11.22
CA PHE A 27 -9.95 15.83 -10.06
C PHE A 27 -8.44 15.60 -10.14
N HIS A 28 -7.67 16.63 -9.81
CA HIS A 28 -6.21 16.61 -9.86
C HIS A 28 -5.63 16.84 -8.47
N HIS A 29 -5.00 15.81 -7.90
CA HIS A 29 -4.45 15.88 -6.55
C HIS A 29 -3.19 16.72 -6.34
N GLY A 30 -2.88 16.96 -5.06
CA GLY A 30 -1.71 17.75 -4.72
C GLY A 30 -0.48 16.91 -4.43
N TRP A 31 0.62 17.59 -4.10
CA TRP A 31 1.89 16.97 -3.78
C TRP A 31 1.88 16.57 -2.31
N PRO A 32 2.39 15.38 -1.97
CA PRO A 32 2.98 14.29 -2.77
C PRO A 32 1.99 13.14 -2.64
N LEU A 33 0.74 13.43 -2.95
CA LEU A 33 -0.34 12.45 -2.77
C LEU A 33 -0.78 11.60 -3.96
N SER A 34 -2.09 11.41 -4.10
CA SER A 34 -2.62 10.57 -5.17
C SER A 34 -4.12 10.80 -5.30
N ALA A 35 -4.75 10.08 -6.21
CA ALA A 35 -6.20 10.20 -6.40
C ALA A 35 -6.97 9.83 -5.15
N ASP A 36 -6.34 9.08 -4.24
CA ASP A 36 -7.01 8.68 -3.01
C ASP A 36 -7.30 9.88 -2.12
N ASP A 37 -6.65 11.01 -2.38
CA ASP A 37 -6.85 12.18 -1.57
C ASP A 37 -8.20 12.84 -1.82
N TRP A 38 -8.92 12.38 -2.84
CA TRP A 38 -10.23 12.94 -3.19
C TRP A 38 -11.44 12.16 -2.71
N ASP A 39 -11.25 11.13 -1.88
CA ASP A 39 -12.37 10.32 -1.41
C ASP A 39 -13.67 11.08 -1.14
N ALA A 40 -13.62 12.05 -0.24
CA ALA A 40 -14.82 12.82 0.12
C ALA A 40 -15.49 13.48 -1.07
N GLN A 41 -14.69 14.06 -1.96
CA GLN A 41 -15.26 14.72 -3.13
C GLN A 41 -15.85 13.73 -4.13
N LEU A 42 -15.13 12.64 -4.40
CA LEU A 42 -15.62 11.66 -5.36
C LEU A 42 -17.00 11.13 -5.00
N LEU A 43 -17.20 10.71 -3.76
CA LEU A 43 -18.50 10.18 -3.35
C LEU A 43 -19.59 11.24 -3.32
N PHE A 44 -19.23 12.46 -2.96
CA PHE A 44 -20.21 13.53 -2.92
C PHE A 44 -20.75 13.84 -4.30
N PHE A 45 -19.87 13.93 -5.29
CA PHE A 45 -20.31 14.22 -6.64
C PHE A 45 -20.97 13.03 -7.32
N LEU A 46 -20.59 11.82 -6.92
CA LEU A 46 -21.25 10.64 -7.48
C LEU A 46 -22.70 10.72 -7.02
N ALA A 47 -22.91 11.08 -5.76
CA ALA A 47 -24.25 11.18 -5.19
C ALA A 47 -25.06 12.24 -5.90
N HIS A 48 -24.40 13.24 -6.47
CA HIS A 48 -25.12 14.29 -7.17
C HIS A 48 -25.23 14.07 -8.67
N GLY A 49 -25.08 12.81 -9.07
CA GLY A 49 -25.23 12.45 -10.48
C GLY A 49 -24.11 12.75 -11.45
N TYR A 50 -22.88 12.89 -10.96
CA TYR A 50 -21.74 13.16 -11.85
C TYR A 50 -20.90 11.91 -12.05
N ARG A 51 -20.09 11.94 -13.10
CA ARG A 51 -19.14 10.87 -13.38
C ARG A 51 -17.87 11.54 -12.89
N VAL A 52 -17.10 10.86 -12.05
CA VAL A 52 -15.88 11.46 -11.53
C VAL A 52 -14.63 10.70 -11.93
N VAL A 53 -13.60 11.46 -12.29
CA VAL A 53 -12.33 10.90 -12.72
C VAL A 53 -11.19 11.51 -11.90
N ALA A 54 -10.25 10.67 -11.48
CA ALA A 54 -9.11 11.15 -10.71
C ALA A 54 -7.93 10.24 -11.01
N HIS A 55 -6.82 10.82 -11.45
CA HIS A 55 -5.65 10.02 -11.77
C HIS A 55 -4.48 10.36 -10.85
N ASP A 56 -3.53 9.43 -10.76
CA ASP A 56 -2.33 9.61 -9.97
C ASP A 56 -1.26 10.24 -10.87
N ARG A 57 -0.68 11.36 -10.43
CA ARG A 57 0.37 12.03 -11.18
C ARG A 57 1.54 11.06 -11.39
N ARG A 58 2.31 11.25 -12.45
CA ARG A 58 3.43 10.35 -12.70
C ARG A 58 4.35 10.27 -11.48
N GLY A 59 4.76 9.04 -11.13
CA GLY A 59 5.62 8.87 -9.99
C GLY A 59 4.91 9.02 -8.65
N HIS A 60 3.59 9.13 -8.69
CA HIS A 60 2.78 9.27 -7.49
C HIS A 60 1.82 8.10 -7.37
N GLY A 61 1.47 7.76 -6.13
CA GLY A 61 0.53 6.69 -5.90
C GLY A 61 0.81 5.39 -6.61
N ARG A 62 -0.08 5.03 -7.55
CA ARG A 62 0.04 3.80 -8.30
C ARG A 62 0.59 3.96 -9.72
N SER A 63 0.94 5.19 -10.09
CA SER A 63 1.49 5.45 -11.42
C SER A 63 2.98 5.11 -11.47
N SER A 64 3.49 4.84 -12.66
CA SER A 64 4.89 4.47 -12.85
C SER A 64 5.87 5.39 -12.15
N GLN A 65 6.88 4.80 -11.50
CA GLN A 65 7.89 5.60 -10.83
C GLN A 65 8.99 5.94 -11.82
N VAL A 66 8.59 6.62 -12.89
CA VAL A 66 9.50 7.08 -13.94
C VAL A 66 10.44 8.09 -13.29
N TRP A 67 11.71 8.06 -13.66
CA TRP A 67 12.67 8.96 -13.03
C TRP A 67 12.73 10.38 -13.57
N ASP A 68 12.23 10.61 -14.77
CA ASP A 68 12.28 11.95 -15.31
C ASP A 68 10.95 12.52 -15.78
N GLY A 69 11.00 13.73 -16.35
CA GLY A 69 9.80 14.38 -16.83
C GLY A 69 8.94 14.92 -15.71
N HIS A 70 9.54 15.19 -14.56
CA HIS A 70 8.77 15.70 -13.44
C HIS A 70 8.67 17.22 -13.47
N ASP A 71 7.82 17.69 -14.39
CA ASP A 71 7.59 19.11 -14.59
C ASP A 71 6.14 19.30 -15.03
N MET A 72 5.68 20.54 -14.96
CA MET A 72 4.30 20.86 -15.32
C MET A 72 3.88 20.49 -16.74
N ASP A 73 4.77 20.65 -17.72
CA ASP A 73 4.42 20.30 -19.10
C ASP A 73 4.09 18.82 -19.23
N HIS A 74 4.91 17.98 -18.60
CA HIS A 74 4.68 16.54 -18.64
C HIS A 74 3.42 16.19 -17.85
N TYR A 75 3.24 16.82 -16.69
CA TYR A 75 2.05 16.54 -15.89
C TYR A 75 0.82 16.83 -16.76
N ALA A 76 0.88 17.94 -17.51
CA ALA A 76 -0.22 18.34 -18.37
C ALA A 76 -0.42 17.39 -19.54
N ASP A 77 0.67 16.91 -20.14
CA ASP A 77 0.52 15.98 -21.24
C ASP A 77 -0.04 14.65 -20.73
N ASP A 78 0.28 14.30 -19.49
CA ASP A 78 -0.26 13.07 -18.92
C ASP A 78 -1.77 13.22 -18.76
N VAL A 79 -2.21 14.42 -18.39
CA VAL A 79 -3.64 14.67 -18.24
C VAL A 79 -4.28 14.43 -19.61
N ALA A 80 -3.64 14.96 -20.65
CA ALA A 80 -4.14 14.80 -22.01
C ALA A 80 -4.32 13.33 -22.38
N ALA A 81 -3.39 12.49 -21.96
CA ALA A 81 -3.49 11.06 -22.26
C ALA A 81 -4.71 10.44 -21.58
N VAL A 82 -4.96 10.86 -20.34
CA VAL A 82 -6.10 10.34 -19.59
C VAL A 82 -7.40 10.77 -20.27
N VAL A 83 -7.49 12.05 -20.59
CA VAL A 83 -8.69 12.60 -21.22
C VAL A 83 -9.00 11.91 -22.56
N ALA A 84 -7.99 11.73 -23.40
CA ALA A 84 -8.17 11.08 -24.71
C ALA A 84 -8.60 9.64 -24.54
N HIS A 85 -7.95 8.95 -23.61
CA HIS A 85 -8.24 7.55 -23.36
C HIS A 85 -9.70 7.32 -22.98
N LEU A 86 -10.23 8.18 -22.11
CA LEU A 86 -11.60 8.06 -21.64
C LEU A 86 -12.65 8.84 -22.44
N GLY A 87 -12.19 9.69 -23.36
CA GLY A 87 -13.12 10.47 -24.15
C GLY A 87 -13.91 11.46 -23.31
N ILE A 88 -13.25 12.03 -22.31
CA ILE A 88 -13.92 12.98 -21.42
C ILE A 88 -13.58 14.44 -21.70
N GLN A 89 -13.52 14.80 -22.97
CA GLN A 89 -13.23 16.17 -23.35
C GLN A 89 -14.41 17.04 -22.89
N GLY A 90 -14.14 18.30 -22.56
CA GLY A 90 -15.19 19.20 -22.15
C GLY A 90 -15.67 19.04 -20.72
N ALA A 91 -14.91 18.32 -19.91
CA ALA A 91 -15.28 18.11 -18.52
C ALA A 91 -14.88 19.29 -17.65
N VAL A 92 -15.35 19.28 -16.41
CA VAL A 92 -14.97 20.31 -15.46
C VAL A 92 -13.73 19.75 -14.79
N HIS A 93 -12.74 20.60 -14.53
CA HIS A 93 -11.51 20.17 -13.89
C HIS A 93 -11.29 20.89 -12.57
N VAL A 94 -11.04 20.10 -11.52
CA VAL A 94 -10.81 20.62 -10.18
C VAL A 94 -9.44 20.18 -9.74
N GLY A 95 -8.59 21.15 -9.39
CA GLY A 95 -7.24 20.79 -8.96
C GLY A 95 -6.93 21.38 -7.59
N HIS A 96 -6.28 20.60 -6.74
CA HIS A 96 -5.91 21.05 -5.41
C HIS A 96 -4.39 21.22 -5.34
N SER A 97 -3.95 22.33 -4.76
CA SER A 97 -2.52 22.63 -4.60
C SER A 97 -1.75 22.48 -5.91
N THR A 98 -0.78 21.56 -5.93
CA THR A 98 0.00 21.33 -7.15
C THR A 98 -0.96 20.97 -8.29
N GLY A 99 -2.03 20.25 -7.95
CA GLY A 99 -3.02 19.86 -8.93
C GLY A 99 -3.65 21.07 -9.61
N GLY A 100 -3.67 22.18 -8.87
CA GLY A 100 -4.22 23.41 -9.43
C GLY A 100 -3.32 23.89 -10.56
N GLY A 101 -2.02 23.78 -10.36
CA GLY A 101 -1.08 24.19 -11.39
C GLY A 101 -1.23 23.30 -12.60
N GLU A 102 -1.38 22.00 -12.34
CA GLU A 102 -1.55 21.02 -13.41
C GLU A 102 -2.76 21.32 -14.27
N VAL A 103 -3.86 21.71 -13.64
CA VAL A 103 -5.09 22.04 -14.36
C VAL A 103 -4.85 23.24 -15.29
N VAL A 104 -4.28 24.29 -14.73
CA VAL A 104 -4.01 25.50 -15.51
C VAL A 104 -3.05 25.26 -16.68
N ARG A 105 -1.99 24.47 -16.45
CA ARG A 105 -1.05 24.19 -17.53
C ARG A 105 -1.73 23.33 -18.59
N TYR A 106 -2.61 22.43 -18.16
CA TYR A 106 -3.33 21.57 -19.10
C TYR A 106 -4.22 22.39 -20.02
N MET A 107 -5.00 23.29 -19.42
CA MET A 107 -5.92 24.14 -20.18
C MET A 107 -5.18 25.07 -21.10
N ALA A 108 -3.90 25.28 -20.83
CA ALA A 108 -3.08 26.16 -21.65
C ALA A 108 -2.41 25.46 -22.83
N ARG A 109 -1.75 24.32 -22.60
CA ARG A 109 -1.12 23.66 -23.74
C ARG A 109 -1.99 22.66 -24.49
N HIS A 110 -3.22 22.44 -23.99
CA HIS A 110 -4.14 21.53 -24.65
C HIS A 110 -5.49 22.20 -24.91
N PRO A 111 -5.49 23.31 -25.67
CA PRO A 111 -6.70 24.05 -25.99
C PRO A 111 -7.74 23.27 -26.79
N GLU A 112 -7.31 22.22 -27.49
CA GLU A 112 -8.22 21.41 -28.29
C GLU A 112 -9.35 20.85 -27.42
N ASP A 113 -9.07 20.69 -26.13
CA ASP A 113 -10.08 20.20 -25.20
C ASP A 113 -10.70 21.43 -24.56
N LYS A 114 -11.94 21.73 -24.97
CA LYS A 114 -12.63 22.89 -24.44
C LYS A 114 -13.24 22.63 -23.08
N VAL A 115 -12.39 22.66 -22.05
CA VAL A 115 -12.84 22.44 -20.68
C VAL A 115 -14.00 23.38 -20.36
N ALA A 116 -15.05 22.85 -19.75
CA ALA A 116 -16.23 23.66 -19.40
C ALA A 116 -15.88 24.73 -18.37
N LYS A 117 -15.43 24.30 -17.20
CA LYS A 117 -15.06 25.20 -16.11
C LYS A 117 -13.92 24.56 -15.33
N ALA A 118 -13.31 25.34 -14.45
CA ALA A 118 -12.22 24.85 -13.62
C ALA A 118 -12.29 25.43 -12.21
N VAL A 119 -11.73 24.69 -11.25
CA VAL A 119 -11.68 25.15 -9.87
C VAL A 119 -10.27 24.91 -9.36
N LEU A 120 -9.66 25.94 -8.78
CA LEU A 120 -8.33 25.84 -8.25
C LEU A 120 -8.44 25.97 -6.73
N ILE A 121 -8.20 24.87 -6.03
CA ILE A 121 -8.31 24.87 -4.56
C ILE A 121 -6.95 24.93 -3.88
N ALA A 122 -6.69 26.03 -3.16
CA ALA A 122 -5.40 26.22 -2.48
C ALA A 122 -4.30 25.90 -3.48
N ALA A 123 -4.48 26.41 -4.70
CA ALA A 123 -3.54 26.16 -5.80
C ALA A 123 -2.28 27.00 -5.80
N VAL A 124 -1.22 26.41 -6.34
CA VAL A 124 0.08 27.06 -6.40
C VAL A 124 0.23 28.29 -7.31
N PRO A 125 -0.57 28.41 -8.38
CA PRO A 125 -0.42 29.59 -9.25
C PRO A 125 -0.62 30.90 -8.48
N PRO A 126 -0.05 32.01 -8.98
CA PRO A 126 0.76 32.12 -10.20
C PRO A 126 2.19 31.59 -10.09
N LEU A 127 2.86 31.91 -8.98
CA LEU A 127 4.23 31.46 -8.77
C LEU A 127 4.56 31.54 -7.28
N MET A 128 4.99 30.44 -6.70
CA MET A 128 5.29 30.40 -5.27
C MET A 128 6.60 31.02 -4.81
N VAL A 129 7.69 30.71 -5.49
CA VAL A 129 9.00 31.21 -5.10
C VAL A 129 9.25 32.71 -5.34
N GLN A 130 10.06 33.29 -4.47
CA GLN A 130 10.40 34.71 -4.57
C GLN A 130 11.38 34.95 -5.72
N THR A 131 11.03 35.89 -6.59
CA THR A 131 11.86 36.25 -7.74
C THR A 131 11.72 37.75 -7.93
N PRO A 132 12.54 38.36 -8.80
CA PRO A 132 12.41 39.81 -9.00
C PRO A 132 11.01 40.17 -9.50
N GLY A 133 10.45 39.33 -10.37
CA GLY A 133 9.12 39.59 -10.89
C GLY A 133 8.04 39.27 -9.87
N ASN A 134 8.36 38.40 -8.92
CA ASN A 134 7.42 38.01 -7.87
C ASN A 134 8.09 38.16 -6.50
N PRO A 135 8.30 39.42 -6.07
CA PRO A 135 8.93 39.74 -4.78
C PRO A 135 8.15 39.29 -3.54
N GLY A 136 6.88 38.96 -3.72
CA GLY A 136 6.08 38.53 -2.59
C GLY A 136 6.10 37.03 -2.35
N GLY A 137 6.90 36.31 -3.14
CA GLY A 137 6.98 34.88 -2.96
C GLY A 137 7.81 34.44 -1.78
N LEU A 138 7.95 33.13 -1.62
CA LEU A 138 8.73 32.55 -0.53
C LEU A 138 10.16 32.30 -1.01
N PRO A 139 11.17 32.62 -0.19
CA PRO A 139 12.54 32.38 -0.61
C PRO A 139 12.76 30.93 -1.03
N LYS A 140 13.55 30.74 -2.09
CA LYS A 140 13.81 29.40 -2.59
C LYS A 140 14.34 28.45 -1.53
N SER A 141 15.04 29.01 -0.53
CA SER A 141 15.59 28.21 0.55
C SER A 141 14.55 27.34 1.24
N VAL A 142 13.31 27.83 1.28
CA VAL A 142 12.22 27.10 1.91
C VAL A 142 11.99 25.79 1.16
N PHE A 143 11.98 25.88 -0.17
CA PHE A 143 11.76 24.71 -1.01
C PHE A 143 12.99 23.81 -1.03
N ASP A 144 14.19 24.40 -0.91
CA ASP A 144 15.40 23.59 -0.87
C ASP A 144 15.34 22.73 0.39
N GLY A 145 14.80 23.32 1.46
CA GLY A 145 14.68 22.60 2.71
C GLY A 145 13.77 21.39 2.57
N PHE A 146 12.65 21.56 1.87
CA PHE A 146 11.72 20.45 1.66
C PHE A 146 12.42 19.36 0.85
N GLN A 147 13.17 19.76 -0.17
CA GLN A 147 13.89 18.77 -0.98
C GLN A 147 14.89 17.97 -0.15
N ALA A 148 15.58 18.62 0.77
CA ALA A 148 16.54 17.93 1.60
C ALA A 148 15.85 16.93 2.52
N GLN A 149 14.63 17.26 2.95
CA GLN A 149 13.86 16.37 3.81
C GLN A 149 13.41 15.15 3.03
N VAL A 150 13.04 15.37 1.76
CA VAL A 150 12.59 14.27 0.93
C VAL A 150 13.76 13.33 0.62
N ALA A 151 14.94 13.91 0.47
CA ALA A 151 16.11 13.09 0.15
C ALA A 151 16.72 12.31 1.31
N SER A 152 16.63 12.84 2.52
CA SER A 152 17.26 12.15 3.65
C SER A 152 16.39 11.77 4.83
N ASN A 153 15.12 12.18 4.83
CA ASN A 153 14.24 11.88 5.96
C ASN A 153 12.78 11.82 5.50
N ARG A 154 12.54 11.24 4.33
CA ARG A 154 11.19 11.18 3.78
C ARG A 154 10.11 10.53 4.64
N ALA A 155 10.40 9.36 5.21
CA ALA A 155 9.41 8.65 6.03
C ALA A 155 8.88 9.50 7.18
N GLN A 156 9.77 10.20 7.87
CA GLN A 156 9.34 11.04 8.99
C GLN A 156 8.80 12.38 8.53
N PHE A 157 9.40 12.94 7.49
CA PHE A 157 8.95 14.22 6.94
C PHE A 157 7.49 14.10 6.50
N TYR A 158 7.12 12.92 6.01
CA TYR A 158 5.76 12.71 5.54
C TYR A 158 4.75 12.48 6.67
N ARG A 159 5.25 12.51 7.91
CA ARG A 159 4.41 12.42 9.10
C ARG A 159 4.32 13.86 9.60
N ASP A 160 5.48 14.53 9.61
CA ASP A 160 5.55 15.91 10.10
C ASP A 160 4.68 16.91 9.35
N VAL A 161 4.66 16.81 8.03
CA VAL A 161 3.87 17.76 7.25
C VAL A 161 2.38 17.68 7.57
N PRO A 162 1.78 16.48 7.50
CA PRO A 162 0.34 16.38 7.80
C PRO A 162 0.00 16.52 9.30
N ALA A 163 0.95 16.22 10.17
CA ALA A 163 0.69 16.31 11.60
C ALA A 163 0.83 17.75 12.06
N GLY A 164 1.47 18.57 11.23
CA GLY A 164 1.68 19.96 11.57
C GLY A 164 0.94 21.00 10.74
N PRO A 165 1.59 21.57 9.71
CA PRO A 165 1.00 22.60 8.85
C PRO A 165 -0.07 22.24 7.81
N PHE A 166 -0.03 21.05 7.24
CA PHE A 166 -0.99 20.72 6.18
C PHE A 166 -2.48 20.88 6.50
N TYR A 167 -2.92 20.33 7.63
CA TYR A 167 -4.32 20.39 8.02
C TYR A 167 -4.57 21.36 9.17
N GLY A 168 -3.54 22.10 9.56
CA GLY A 168 -3.70 23.05 10.64
C GLY A 168 -3.81 22.39 12.00
N TYR A 169 -3.39 21.14 12.08
CA TYR A 169 -3.46 20.40 13.34
C TYR A 169 -2.48 20.98 14.36
N ASN A 170 -1.58 21.85 13.89
CA ASN A 170 -0.59 22.45 14.77
C ASN A 170 -1.11 23.72 15.43
N ARG A 171 -2.32 24.14 15.07
CA ARG A 171 -2.91 25.33 15.66
C ARG A 171 -3.45 25.03 17.05
N PRO A 172 -3.42 26.02 17.95
CA PRO A 172 -3.91 25.78 19.31
C PRO A 172 -5.38 25.35 19.37
N GLY A 173 -5.65 24.30 20.15
CA GLY A 173 -7.00 23.82 20.32
C GLY A 173 -7.55 22.90 19.24
N VAL A 174 -6.78 22.65 18.19
CA VAL A 174 -7.21 21.79 17.11
C VAL A 174 -6.78 20.34 17.32
N GLU A 175 -7.75 19.43 17.36
CA GLU A 175 -7.46 18.02 17.55
C GLU A 175 -7.10 17.34 16.22
N ALA A 176 -5.99 16.63 16.21
CA ALA A 176 -5.55 15.96 14.99
C ALA A 176 -6.25 14.62 14.80
N SER A 177 -6.22 14.14 13.57
CA SER A 177 -6.80 12.84 13.22
C SER A 177 -5.64 11.96 12.77
N GLU A 178 -5.38 10.90 13.51
CA GLU A 178 -4.28 10.00 13.16
C GLU A 178 -4.59 9.30 11.84
N GLY A 179 -5.87 9.06 11.58
CA GLY A 179 -6.26 8.40 10.35
C GLY A 179 -5.95 9.28 9.15
N ILE A 180 -6.27 10.56 9.26
CA ILE A 180 -6.02 11.51 8.17
C ILE A 180 -4.51 11.73 7.99
N ILE A 181 -3.78 11.78 9.09
CA ILE A 181 -2.33 11.96 9.03
C ILE A 181 -1.70 10.73 8.38
N GLY A 182 -2.15 9.56 8.82
CA GLY A 182 -1.61 8.32 8.27
C GLY A 182 -1.92 8.13 6.80
N ASN A 183 -3.11 8.58 6.38
CA ASN A 183 -3.51 8.42 4.98
C ASN A 183 -2.67 9.32 4.07
N TRP A 184 -2.29 10.48 4.56
CA TRP A 184 -1.47 11.44 3.82
C TRP A 184 -0.10 10.77 3.66
N TRP A 185 0.43 10.31 4.80
CA TRP A 185 1.73 9.64 4.85
C TRP A 185 1.77 8.45 3.91
N ARG A 186 0.71 7.63 3.95
CA ARG A 186 0.60 6.44 3.13
C ARG A 186 0.69 6.73 1.64
N GLN A 187 -0.08 7.71 1.19
CA GLN A 187 -0.09 8.09 -0.22
C GLN A 187 1.29 8.59 -0.65
N GLY A 188 1.96 9.28 0.26
CA GLY A 188 3.29 9.76 -0.06
C GLY A 188 4.31 8.65 -0.16
N MET A 189 4.29 7.71 0.77
CA MET A 189 5.29 6.65 0.75
C MET A 189 5.20 5.68 -0.43
N ILE A 190 4.02 5.50 -1.01
CA ILE A 190 3.92 4.58 -2.14
C ILE A 190 4.40 5.25 -3.43
N GLY A 191 4.55 6.56 -3.38
CA GLY A 191 5.03 7.29 -4.54
C GLY A 191 6.55 7.29 -4.58
N SER A 192 7.11 7.75 -5.69
CA SER A 192 8.56 7.79 -5.88
C SER A 192 9.25 8.97 -5.19
N ALA A 193 10.30 8.67 -4.43
CA ALA A 193 11.04 9.72 -3.74
C ALA A 193 11.64 10.72 -4.72
N LYS A 194 12.07 10.22 -5.89
CA LYS A 194 12.66 11.06 -6.93
C LYS A 194 11.57 11.94 -7.55
N ALA A 195 10.42 11.36 -7.84
CA ALA A 195 9.31 12.13 -8.41
C ALA A 195 8.89 13.25 -7.45
N HIS A 196 8.86 12.94 -6.16
CA HIS A 196 8.47 13.92 -5.17
C HIS A 196 9.53 15.01 -5.00
N TYR A 197 10.79 14.59 -5.04
CA TYR A 197 11.92 15.50 -4.90
C TYR A 197 11.89 16.54 -6.02
N ASP A 198 11.78 16.09 -7.26
CA ASP A 198 11.72 17.01 -8.41
C ASP A 198 10.40 17.76 -8.41
N GLY A 199 9.35 17.09 -7.97
CA GLY A 199 8.03 17.68 -7.92
C GLY A 199 7.96 18.98 -7.13
N ILE A 200 8.86 19.14 -6.16
CA ILE A 200 8.88 20.35 -5.35
C ILE A 200 9.28 21.54 -6.24
N VAL A 201 10.21 21.31 -7.15
CA VAL A 201 10.63 22.37 -8.07
C VAL A 201 9.48 22.68 -9.02
N ALA A 202 8.81 21.64 -9.47
CA ALA A 202 7.70 21.79 -10.39
C ALA A 202 6.57 22.66 -9.82
N PHE A 203 6.20 22.43 -8.56
CA PHE A 203 5.09 23.20 -8.01
C PHE A 203 5.44 24.57 -7.47
N SER A 204 6.67 24.73 -6.96
CA SER A 204 7.07 26.01 -6.38
C SER A 204 7.78 27.00 -7.28
N GLN A 205 8.41 26.51 -8.35
CA GLN A 205 9.16 27.43 -9.21
C GLN A 205 8.68 27.54 -10.66
N THR A 206 7.44 27.14 -10.91
CA THR A 206 6.87 27.25 -12.24
C THR A 206 5.94 28.46 -12.23
N ASP A 207 6.11 29.37 -13.20
CA ASP A 207 5.28 30.56 -13.29
C ASP A 207 4.09 30.29 -14.21
N PHE A 208 2.88 30.40 -13.66
CA PHE A 208 1.65 30.12 -14.40
C PHE A 208 0.93 31.37 -14.90
N THR A 209 1.58 32.52 -14.77
CA THR A 209 0.96 33.78 -15.19
C THR A 209 0.45 33.76 -16.63
N GLU A 210 1.28 33.32 -17.56
CA GLU A 210 0.89 33.27 -18.96
C GLU A 210 -0.34 32.39 -19.16
N ASP A 211 -0.35 31.22 -18.53
CA ASP A 211 -1.46 30.29 -18.66
C ASP A 211 -2.76 30.92 -18.15
N LEU A 212 -2.67 31.54 -16.97
CA LEU A 212 -3.83 32.15 -16.35
C LEU A 212 -4.47 33.24 -17.20
N LYS A 213 -3.65 34.12 -17.76
CA LYS A 213 -4.17 35.21 -18.58
C LYS A 213 -4.90 34.73 -19.84
N GLY A 214 -4.60 33.50 -20.27
CA GLY A 214 -5.22 32.97 -21.46
C GLY A 214 -6.46 32.11 -21.29
N ILE A 215 -6.79 31.76 -20.05
CA ILE A 215 -7.96 30.93 -19.79
C ILE A 215 -9.22 31.78 -19.75
N GLN A 216 -10.11 31.56 -20.72
CA GLN A 216 -11.35 32.33 -20.80
C GLN A 216 -12.54 31.69 -20.12
N GLN A 217 -12.42 30.41 -19.77
CA GLN A 217 -13.52 29.71 -19.12
C GLN A 217 -13.74 30.21 -17.71
N PRO A 218 -14.94 29.96 -17.15
CA PRO A 218 -15.22 30.41 -15.78
C PRO A 218 -14.34 29.58 -14.85
N VAL A 219 -13.65 30.24 -13.93
CA VAL A 219 -12.78 29.56 -12.97
C VAL A 219 -13.03 30.07 -11.56
N LEU A 220 -13.11 29.16 -10.60
CA LEU A 220 -13.32 29.56 -9.22
C LEU A 220 -12.02 29.27 -8.48
N VAL A 221 -11.52 30.27 -7.76
CA VAL A 221 -10.30 30.13 -6.98
C VAL A 221 -10.65 30.06 -5.50
N MET A 222 -10.49 28.88 -4.90
CA MET A 222 -10.77 28.68 -3.47
C MET A 222 -9.48 28.70 -2.67
N HIS A 223 -9.45 29.45 -1.57
CA HIS A 223 -8.24 29.50 -0.77
C HIS A 223 -8.50 29.90 0.69
N GLY A 224 -7.93 29.13 1.61
CA GLY A 224 -8.10 29.43 3.02
C GLY A 224 -7.05 30.48 3.38
N ASP A 225 -7.40 31.45 4.21
CA ASP A 225 -6.41 32.47 4.56
C ASP A 225 -5.42 32.08 5.66
N ASP A 226 -5.47 30.82 6.09
CA ASP A 226 -4.50 30.36 7.08
C ASP A 226 -3.78 29.15 6.50
N ASP A 227 -3.64 29.15 5.18
CA ASP A 227 -2.97 28.08 4.47
C ASP A 227 -1.47 28.18 4.77
N GLN A 228 -0.94 27.20 5.49
CA GLN A 228 0.47 27.21 5.86
C GLN A 228 1.39 26.59 4.81
N ILE A 229 0.82 26.08 3.72
CA ILE A 229 1.59 25.44 2.66
C ILE A 229 1.72 26.34 1.43
N VAL A 230 0.62 26.95 1.03
CA VAL A 230 0.61 27.85 -0.12
C VAL A 230 0.05 29.18 0.32
N PRO A 231 0.93 30.18 0.58
CA PRO A 231 0.52 31.51 1.03
C PRO A 231 -0.66 32.10 0.26
N TYR A 232 -1.74 32.39 0.98
CA TYR A 232 -2.97 32.95 0.43
C TYR A 232 -2.78 34.22 -0.42
N GLU A 233 -2.07 35.20 0.12
CA GLU A 233 -1.85 36.47 -0.56
C GLU A 233 -1.06 36.43 -1.87
N ASN A 234 -0.14 35.49 -1.98
CA ASN A 234 0.69 35.39 -3.18
C ASN A 234 0.22 34.32 -4.15
N SER A 235 -0.94 33.73 -3.90
CA SER A 235 -1.46 32.68 -4.77
C SER A 235 -2.90 32.95 -5.22
N GLY A 236 -3.86 32.42 -4.47
CA GLY A 236 -5.25 32.59 -4.82
C GLY A 236 -5.70 34.01 -5.12
N VAL A 237 -5.28 34.95 -4.29
CA VAL A 237 -5.65 36.35 -4.49
C VAL A 237 -5.20 36.85 -5.87
N LEU A 238 -3.94 36.56 -6.21
CA LEU A 238 -3.38 36.98 -7.48
C LEU A 238 -3.91 36.18 -8.65
N SER A 239 -4.11 34.87 -8.46
CA SER A 239 -4.63 34.03 -9.54
C SER A 239 -6.01 34.49 -9.99
N ALA A 240 -6.87 34.80 -9.02
CA ALA A 240 -8.23 35.22 -9.32
C ALA A 240 -8.29 36.47 -10.20
N LYS A 241 -7.35 37.39 -9.97
CA LYS A 241 -7.29 38.63 -10.73
C LYS A 241 -6.75 38.44 -12.14
N LEU A 242 -5.80 37.52 -12.30
CA LEU A 242 -5.20 37.26 -13.61
C LEU A 242 -6.16 36.54 -14.56
N LEU A 243 -7.04 35.70 -14.02
CA LEU A 243 -8.00 34.97 -14.82
C LEU A 243 -9.10 35.91 -15.31
N PRO A 244 -9.26 36.04 -16.64
CA PRO A 244 -10.30 36.95 -17.15
C PRO A 244 -11.70 36.68 -16.60
N ASN A 245 -12.03 35.41 -16.36
CA ASN A 245 -13.34 35.07 -15.82
C ASN A 245 -13.21 34.27 -14.52
N GLY A 246 -12.27 34.69 -13.68
CA GLY A 246 -12.05 34.02 -12.42
C GLY A 246 -12.63 34.77 -11.24
N ALA A 247 -12.89 34.06 -10.15
CA ALA A 247 -13.45 34.67 -8.96
C ALA A 247 -12.83 34.01 -7.74
N LEU A 248 -12.61 34.80 -6.70
CA LEU A 248 -12.01 34.30 -5.48
C LEU A 248 -13.04 33.94 -4.42
N LYS A 249 -12.83 32.81 -3.77
CA LYS A 249 -13.68 32.32 -2.70
C LYS A 249 -12.74 32.15 -1.52
N THR A 250 -12.89 32.99 -0.50
CA THR A 250 -12.04 32.96 0.66
C THR A 250 -12.62 32.20 1.85
N TYR A 251 -11.80 31.37 2.48
CA TYR A 251 -12.23 30.61 3.64
C TYR A 251 -11.39 31.04 4.84
N LYS A 252 -11.97 31.89 5.66
CA LYS A 252 -11.29 32.41 6.83
C LYS A 252 -10.88 31.34 7.83
N GLY A 253 -9.58 31.31 8.14
CA GLY A 253 -9.06 30.34 9.10
C GLY A 253 -8.84 28.94 8.58
N TYR A 254 -9.24 28.67 7.34
CA TYR A 254 -9.09 27.33 6.78
C TYR A 254 -7.64 26.98 6.40
N PRO A 255 -7.29 25.70 6.55
CA PRO A 255 -5.95 25.19 6.25
C PRO A 255 -5.80 24.81 4.77
N HIS A 256 -4.61 24.32 4.44
CA HIS A 256 -4.33 23.90 3.07
C HIS A 256 -5.17 22.68 2.69
N GLY A 257 -5.33 21.75 3.61
CA GLY A 257 -6.11 20.55 3.33
C GLY A 257 -7.59 20.66 3.65
N MET A 258 -8.17 21.81 3.37
CA MET A 258 -9.59 22.04 3.65
C MET A 258 -10.58 21.12 2.93
N PRO A 259 -10.21 20.61 1.75
CA PRO A 259 -11.20 19.72 1.12
C PRO A 259 -11.45 18.47 1.95
N THR A 260 -10.48 18.15 2.81
CA THR A 260 -10.61 16.97 3.67
C THR A 260 -11.21 17.28 5.04
N THR A 261 -10.73 18.33 5.68
CA THR A 261 -11.20 18.68 7.02
C THR A 261 -12.46 19.55 7.05
N HIS A 262 -12.86 20.06 5.89
CA HIS A 262 -14.07 20.87 5.79
C HIS A 262 -14.78 20.46 4.49
N ALA A 263 -14.95 19.15 4.32
CA ALA A 263 -15.57 18.59 3.13
C ALA A 263 -16.99 19.10 2.85
N ASP A 264 -17.80 19.19 3.89
CA ASP A 264 -19.17 19.64 3.73
C ASP A 264 -19.25 21.02 3.07
N VAL A 265 -18.45 21.95 3.57
CA VAL A 265 -18.43 23.31 3.03
C VAL A 265 -17.82 23.37 1.64
N ILE A 266 -16.66 22.75 1.47
CA ILE A 266 -15.99 22.76 0.17
C ILE A 266 -16.82 22.07 -0.90
N ASN A 267 -17.45 20.94 -0.57
CA ASN A 267 -18.28 20.23 -1.54
C ASN A 267 -19.48 21.06 -1.96
N ALA A 268 -20.16 21.67 -0.99
CA ALA A 268 -21.33 22.49 -1.29
C ALA A 268 -20.97 23.66 -2.19
N ASP A 269 -19.88 24.34 -1.89
CA ASP A 269 -19.45 25.47 -2.70
C ASP A 269 -18.99 25.02 -4.10
N LEU A 270 -18.34 23.86 -4.18
CA LEU A 270 -17.91 23.35 -5.48
C LEU A 270 -19.15 23.06 -6.33
N LEU A 271 -20.14 22.42 -5.72
CA LEU A 271 -21.36 22.08 -6.44
C LEU A 271 -22.08 23.33 -6.93
N ALA A 272 -22.22 24.32 -6.06
CA ALA A 272 -22.90 25.56 -6.43
C ALA A 272 -22.24 26.22 -7.62
N PHE A 273 -20.91 26.29 -7.58
CA PHE A 273 -20.17 26.91 -8.68
C PHE A 273 -20.30 26.11 -9.97
N ILE A 274 -20.10 24.80 -9.88
CA ILE A 274 -20.19 23.96 -11.07
C ILE A 274 -21.53 24.06 -11.79
N ARG A 275 -22.61 24.14 -11.04
CA ARG A 275 -23.93 24.22 -11.67
C ARG A 275 -24.38 25.66 -11.90
N SER A 276 -23.54 26.63 -11.56
CA SER A 276 -23.87 28.04 -11.74
C SER A 276 -23.94 28.44 -13.22
N SER B 2 8.20 -0.84 -12.72
CA SER B 2 8.35 -1.76 -13.88
C SER B 2 8.46 -3.21 -13.42
N TYR B 3 8.22 -4.14 -14.33
CA TYR B 3 8.28 -5.56 -14.01
C TYR B 3 9.05 -6.37 -15.04
N VAL B 4 9.64 -7.46 -14.58
CA VAL B 4 10.34 -8.40 -15.44
C VAL B 4 9.76 -9.75 -15.08
N THR B 5 9.49 -10.59 -16.08
CA THR B 5 8.94 -11.92 -15.82
C THR B 5 10.10 -12.91 -15.80
N THR B 6 10.28 -13.61 -14.69
CA THR B 6 11.38 -14.57 -14.57
C THR B 6 11.10 -15.82 -15.40
N LYS B 7 12.13 -16.64 -15.55
CA LYS B 7 12.03 -17.87 -16.31
C LYS B 7 10.94 -18.77 -15.74
N ASP B 8 10.73 -18.70 -14.43
CA ASP B 8 9.72 -19.53 -13.79
C ASP B 8 8.39 -18.83 -13.53
N GLY B 9 8.13 -17.78 -14.30
CA GLY B 9 6.87 -17.06 -14.20
C GLY B 9 6.61 -16.10 -13.05
N VAL B 10 7.65 -15.62 -12.40
CA VAL B 10 7.47 -14.69 -11.29
C VAL B 10 7.59 -13.26 -11.79
N GLN B 11 6.72 -12.37 -11.31
CA GLN B 11 6.78 -10.96 -11.70
C GLN B 11 7.64 -10.25 -10.67
N ILE B 12 8.79 -9.73 -11.09
CA ILE B 12 9.68 -9.01 -10.19
C ILE B 12 9.58 -7.52 -10.46
N PHE B 13 9.16 -6.78 -9.44
CA PHE B 13 9.03 -5.33 -9.56
C PHE B 13 10.39 -4.70 -9.35
N TYR B 14 10.66 -3.63 -10.08
CA TYR B 14 11.92 -2.92 -9.88
C TYR B 14 11.79 -1.43 -10.20
N LYS B 15 12.75 -0.69 -9.66
CA LYS B 15 12.87 0.74 -9.87
C LYS B 15 14.16 0.90 -10.65
N ASP B 16 14.17 1.84 -11.59
CA ASP B 16 15.33 2.09 -12.42
C ASP B 16 15.35 3.59 -12.70
N TRP B 17 16.21 4.31 -12.00
CA TRP B 17 16.29 5.76 -12.13
C TRP B 17 17.66 6.25 -12.58
N GLY B 18 17.66 7.30 -13.40
CA GLY B 18 18.92 7.87 -13.85
C GLY B 18 19.17 7.69 -15.34
N PRO B 19 20.22 8.35 -15.87
CA PRO B 19 20.54 8.23 -17.29
C PRO B 19 20.77 6.78 -17.67
N ARG B 20 20.20 6.39 -18.80
CA ARG B 20 20.33 5.02 -19.28
C ARG B 20 21.76 4.52 -19.32
N ASP B 21 22.67 5.38 -19.79
CA ASP B 21 24.07 5.01 -19.91
C ASP B 21 24.99 5.40 -18.77
N ALA B 22 24.43 5.84 -17.64
CA ALA B 22 25.27 6.20 -16.51
C ALA B 22 25.70 4.91 -15.81
N PRO B 23 26.82 4.96 -15.08
CA PRO B 23 27.29 3.75 -14.38
C PRO B 23 26.19 3.32 -13.40
N VAL B 24 26.01 2.02 -13.28
CA VAL B 24 24.94 1.47 -12.46
C VAL B 24 25.30 0.91 -11.08
N ILE B 25 24.40 1.15 -10.13
CA ILE B 25 24.53 0.58 -8.79
C ILE B 25 23.19 -0.11 -8.59
N HIS B 26 23.24 -1.42 -8.34
CA HIS B 26 22.06 -2.24 -8.13
C HIS B 26 21.97 -2.52 -6.63
N PHE B 27 20.89 -2.07 -6.01
CA PHE B 27 20.68 -2.25 -4.56
C PHE B 27 19.74 -3.42 -4.27
N HIS B 28 20.12 -4.21 -3.26
CA HIS B 28 19.38 -5.40 -2.86
C HIS B 28 18.92 -5.26 -1.40
N HIS B 29 17.62 -5.15 -1.19
CA HIS B 29 17.05 -4.94 0.14
C HIS B 29 17.06 -6.15 1.08
N GLY B 30 16.82 -5.88 2.36
CA GLY B 30 16.81 -6.94 3.35
C GLY B 30 15.42 -7.50 3.67
N TRP B 31 15.38 -8.45 4.58
CA TRP B 31 14.14 -9.09 5.01
C TRP B 31 13.43 -8.21 6.05
N PRO B 32 12.10 -8.04 5.95
CA PRO B 32 11.13 -8.55 4.99
C PRO B 32 10.64 -7.31 4.24
N LEU B 33 11.59 -6.54 3.73
CA LEU B 33 11.26 -5.27 3.10
C LEU B 33 11.04 -5.23 1.59
N SER B 34 11.53 -4.16 0.96
CA SER B 34 11.37 -3.96 -0.48
C SER B 34 12.37 -2.91 -0.95
N ALA B 35 12.31 -2.60 -2.24
CA ALA B 35 13.20 -1.62 -2.84
C ALA B 35 12.97 -0.23 -2.23
N ASP B 36 11.79 -0.03 -1.64
CA ASP B 36 11.46 1.25 -1.02
C ASP B 36 12.37 1.56 0.17
N ASP B 37 13.05 0.54 0.68
CA ASP B 37 13.93 0.72 1.82
C ASP B 37 15.20 1.46 1.47
N TRP B 38 15.43 1.67 0.18
CA TRP B 38 16.64 2.34 -0.29
C TRP B 38 16.50 3.83 -0.64
N ASP B 39 15.34 4.42 -0.39
CA ASP B 39 15.10 5.84 -0.73
C ASP B 39 16.31 6.77 -0.60
N ALA B 40 16.87 6.85 0.60
CA ALA B 40 18.01 7.73 0.86
C ALA B 40 19.21 7.44 -0.04
N GLN B 41 19.52 6.16 -0.24
CA GLN B 41 20.65 5.81 -1.08
C GLN B 41 20.36 6.11 -2.54
N LEU B 42 19.15 5.77 -3.00
CA LEU B 42 18.80 6.02 -4.40
C LEU B 42 18.98 7.48 -4.78
N LEU B 43 18.43 8.38 -3.98
CA LEU B 43 18.55 9.81 -4.29
C LEU B 43 19.98 10.32 -4.15
N PHE B 44 20.72 9.77 -3.18
CA PHE B 44 22.11 10.21 -3.00
C PHE B 44 22.94 9.85 -4.20
N PHE B 45 22.83 8.60 -4.64
CA PHE B 45 23.63 8.20 -5.78
C PHE B 45 23.18 8.75 -7.11
N LEU B 46 21.91 9.13 -7.20
CA LEU B 46 21.42 9.76 -8.44
C LEU B 46 22.14 11.11 -8.51
N ALA B 47 22.23 11.78 -7.38
CA ALA B 47 22.85 13.10 -7.29
C ALA B 47 24.36 13.03 -7.48
N HIS B 48 24.92 11.81 -7.47
CA HIS B 48 26.36 11.65 -7.64
C HIS B 48 26.73 10.93 -8.94
N GLY B 49 25.88 11.11 -9.95
CA GLY B 49 26.13 10.55 -11.28
C GLY B 49 25.86 9.10 -11.62
N TYR B 50 25.04 8.42 -10.84
CA TYR B 50 24.77 7.02 -11.13
C TYR B 50 23.35 6.76 -11.57
N ARG B 51 23.18 5.60 -12.19
CA ARG B 51 21.87 5.11 -12.60
C ARG B 51 21.66 4.12 -11.47
N VAL B 52 20.52 4.18 -10.79
CA VAL B 52 20.29 3.30 -9.68
C VAL B 52 19.13 2.34 -9.94
N VAL B 53 19.35 1.08 -9.60
CA VAL B 53 18.35 0.04 -9.78
C VAL B 53 18.10 -0.68 -8.47
N ALA B 54 16.83 -0.94 -8.17
CA ALA B 54 16.46 -1.65 -6.95
C ALA B 54 15.20 -2.45 -7.21
N HIS B 55 15.25 -3.75 -6.97
CA HIS B 55 14.08 -4.59 -7.22
C HIS B 55 13.54 -5.18 -5.93
N ASP B 56 12.28 -5.61 -5.98
CA ASP B 56 11.65 -6.24 -4.83
C ASP B 56 11.88 -7.75 -4.96
N ARG B 57 12.39 -8.37 -3.90
CA ARG B 57 12.63 -9.81 -3.87
C ARG B 57 11.29 -10.52 -4.13
N ARG B 58 11.33 -11.73 -4.66
CA ARG B 58 10.07 -12.43 -4.93
C ARG B 58 9.23 -12.52 -3.65
N GLY B 59 7.94 -12.29 -3.78
CA GLY B 59 7.05 -12.36 -2.63
C GLY B 59 7.19 -11.20 -1.67
N HIS B 60 8.00 -10.20 -2.04
CA HIS B 60 8.20 -9.01 -1.21
C HIS B 60 7.67 -7.79 -1.95
N GLY B 61 7.27 -6.78 -1.18
CA GLY B 61 6.78 -5.55 -1.78
C GLY B 61 5.73 -5.69 -2.86
N ARG B 62 6.10 -5.33 -4.09
CA ARG B 62 5.21 -5.37 -5.24
C ARG B 62 5.43 -6.56 -6.17
N SER B 63 6.39 -7.42 -5.82
CA SER B 63 6.66 -8.60 -6.66
C SER B 63 5.59 -9.67 -6.39
N SER B 64 5.46 -10.61 -7.32
CA SER B 64 4.47 -11.68 -7.21
C SER B 64 4.54 -12.44 -5.91
N GLN B 65 3.39 -12.70 -5.29
CA GLN B 65 3.38 -13.48 -4.05
C GLN B 65 3.37 -14.98 -4.38
N VAL B 66 4.41 -15.41 -5.07
CA VAL B 66 4.59 -16.81 -5.45
C VAL B 66 4.78 -17.57 -4.14
N TRP B 67 4.24 -18.78 -4.04
CA TRP B 67 4.35 -19.52 -2.79
C TRP B 67 5.64 -20.32 -2.56
N ASP B 68 6.39 -20.59 -3.62
CA ASP B 68 7.63 -21.36 -3.44
C ASP B 68 8.85 -20.70 -4.07
N GLY B 69 9.97 -21.42 -4.03
CA GLY B 69 11.20 -20.89 -4.60
C GLY B 69 11.83 -19.84 -3.70
N HIS B 70 11.47 -19.84 -2.42
CA HIS B 70 12.01 -18.86 -1.48
C HIS B 70 13.32 -19.32 -0.86
N ASP B 71 14.37 -19.25 -1.67
CA ASP B 71 15.71 -19.63 -1.27
C ASP B 71 16.71 -18.76 -2.01
N MET B 72 17.96 -18.78 -1.57
CA MET B 72 18.99 -17.93 -2.17
C MET B 72 19.24 -18.19 -3.65
N ASP B 73 19.16 -19.45 -4.07
CA ASP B 73 19.37 -19.78 -5.48
C ASP B 73 18.35 -19.08 -6.36
N HIS B 74 17.08 -19.14 -5.96
CA HIS B 74 16.03 -18.48 -6.73
C HIS B 74 16.17 -16.96 -6.63
N TYR B 75 16.53 -16.47 -5.45
CA TYR B 75 16.72 -15.03 -5.30
C TYR B 75 17.78 -14.55 -6.28
N ALA B 76 18.87 -15.32 -6.39
CA ALA B 76 19.98 -14.98 -7.29
C ALA B 76 19.58 -15.06 -8.76
N ASP B 77 18.81 -16.07 -9.13
CA ASP B 77 18.39 -16.17 -10.51
C ASP B 77 17.39 -15.06 -10.85
N ASP B 78 16.65 -14.60 -9.84
CA ASP B 78 15.72 -13.50 -10.07
C ASP B 78 16.53 -12.24 -10.36
N VAL B 79 17.65 -12.08 -9.66
CA VAL B 79 18.53 -10.94 -9.91
C VAL B 79 19.01 -11.02 -11.36
N ALA B 80 19.40 -12.23 -11.78
CA ALA B 80 19.88 -12.41 -13.15
C ALA B 80 18.85 -11.94 -14.18
N ALA B 81 17.57 -12.21 -13.91
CA ALA B 81 16.50 -11.80 -14.81
C ALA B 81 16.44 -10.28 -14.92
N VAL B 82 16.54 -9.59 -13.78
CA VAL B 82 16.51 -8.14 -13.74
C VAL B 82 17.72 -7.57 -14.48
N VAL B 83 18.89 -8.13 -14.21
CA VAL B 83 20.13 -7.69 -14.83
C VAL B 83 20.06 -7.84 -16.34
N ALA B 84 19.61 -9.00 -16.81
CA ALA B 84 19.52 -9.25 -18.25
C ALA B 84 18.49 -8.36 -18.93
N HIS B 85 17.34 -8.19 -18.27
CA HIS B 85 16.27 -7.36 -18.81
C HIS B 85 16.73 -5.93 -19.06
N LEU B 86 17.47 -5.38 -18.10
CA LEU B 86 17.95 -4.01 -18.18
C LEU B 86 19.32 -3.86 -18.84
N GLY B 87 19.99 -4.99 -19.05
CA GLY B 87 21.30 -4.95 -19.67
C GLY B 87 22.29 -4.21 -18.80
N ILE B 88 22.20 -4.42 -17.50
CA ILE B 88 23.10 -3.75 -16.56
C ILE B 88 24.20 -4.66 -16.03
N GLN B 89 24.75 -5.50 -16.90
CA GLN B 89 25.84 -6.35 -16.49
C GLN B 89 27.01 -5.42 -16.16
N GLY B 90 27.90 -5.88 -15.28
CA GLY B 90 29.06 -5.08 -14.92
C GLY B 90 28.82 -3.97 -13.92
N ALA B 91 27.64 -3.97 -13.32
CA ALA B 91 27.29 -2.94 -12.34
C ALA B 91 27.90 -3.22 -10.99
N VAL B 92 27.75 -2.26 -10.09
CA VAL B 92 28.21 -2.39 -8.72
C VAL B 92 26.96 -2.88 -8.00
N HIS B 93 27.10 -3.86 -7.12
CA HIS B 93 25.94 -4.37 -6.38
C HIS B 93 26.09 -4.10 -4.89
N VAL B 94 25.07 -3.51 -4.30
CA VAL B 94 25.06 -3.20 -2.87
C VAL B 94 23.93 -3.98 -2.23
N GLY B 95 24.25 -4.77 -1.22
CA GLY B 95 23.23 -5.55 -0.55
C GLY B 95 23.20 -5.31 0.95
N HIS B 96 22.00 -5.17 1.50
CA HIS B 96 21.83 -4.96 2.93
C HIS B 96 21.19 -6.20 3.57
N SER B 97 21.78 -6.67 4.67
CA SER B 97 21.27 -7.82 5.41
C SER B 97 21.04 -9.03 4.49
N THR B 98 19.81 -9.52 4.38
CA THR B 98 19.53 -10.65 3.51
C THR B 98 19.98 -10.32 2.10
N GLY B 99 19.89 -9.04 1.73
CA GLY B 99 20.30 -8.61 0.40
C GLY B 99 21.77 -8.87 0.13
N GLY B 100 22.57 -8.86 1.18
CA GLY B 100 23.99 -9.11 1.04
C GLY B 100 24.23 -10.55 0.63
N GLY B 101 23.44 -11.45 1.20
CA GLY B 101 23.56 -12.85 0.85
C GLY B 101 23.14 -13.06 -0.59
N GLU B 102 22.12 -12.33 -1.01
CA GLU B 102 21.63 -12.42 -2.38
C GLU B 102 22.72 -11.99 -3.36
N VAL B 103 23.41 -10.89 -3.06
CA VAL B 103 24.47 -10.38 -3.93
C VAL B 103 25.57 -11.43 -4.10
N VAL B 104 25.98 -12.03 -3.00
CA VAL B 104 27.03 -13.05 -3.02
C VAL B 104 26.62 -14.29 -3.83
N ARG B 105 25.40 -14.77 -3.63
CA ARG B 105 24.93 -15.94 -4.37
C ARG B 105 24.79 -15.63 -5.86
N TYR B 106 24.37 -14.40 -6.17
CA TYR B 106 24.22 -13.99 -7.56
C TYR B 106 25.58 -14.04 -8.26
N MET B 107 26.57 -13.41 -7.64
CA MET B 107 27.90 -13.38 -8.23
C MET B 107 28.43 -14.80 -8.45
N ALA B 108 28.16 -15.69 -7.51
CA ALA B 108 28.61 -17.07 -7.62
C ALA B 108 27.92 -17.89 -8.71
N ARG B 109 26.59 -17.77 -8.82
CA ARG B 109 25.85 -18.52 -9.82
C ARG B 109 25.89 -17.90 -11.22
N HIS B 110 26.28 -16.64 -11.30
CA HIS B 110 26.30 -15.96 -12.60
C HIS B 110 27.61 -15.25 -12.87
N PRO B 111 28.70 -16.03 -13.02
CA PRO B 111 30.02 -15.50 -13.29
C PRO B 111 30.11 -14.79 -14.64
N GLU B 112 29.15 -15.06 -15.51
CA GLU B 112 29.12 -14.44 -16.82
C GLU B 112 29.01 -12.92 -16.69
N ASP B 113 28.35 -12.47 -15.62
CA ASP B 113 28.20 -11.04 -15.35
C ASP B 113 29.42 -10.57 -14.58
N LYS B 114 30.28 -9.82 -15.27
CA LYS B 114 31.50 -9.34 -14.66
C LYS B 114 31.25 -8.13 -13.75
N VAL B 115 30.60 -8.38 -12.63
CA VAL B 115 30.29 -7.33 -11.66
C VAL B 115 31.56 -6.56 -11.33
N ALA B 116 31.46 -5.23 -11.30
CA ALA B 116 32.63 -4.38 -11.01
C ALA B 116 33.11 -4.50 -9.56
N LYS B 117 32.19 -4.24 -8.63
CA LYS B 117 32.50 -4.30 -7.20
C LYS B 117 31.22 -4.63 -6.45
N ALA B 118 31.35 -4.94 -5.18
CA ALA B 118 30.19 -5.25 -4.36
C ALA B 118 30.36 -4.70 -2.96
N VAL B 119 29.25 -4.41 -2.30
CA VAL B 119 29.26 -3.90 -0.94
C VAL B 119 28.22 -4.67 -0.14
N LEU B 120 28.67 -5.28 0.95
CA LEU B 120 27.79 -6.06 1.80
C LEU B 120 27.60 -5.26 3.10
N ILE B 121 26.39 -4.78 3.32
CA ILE B 121 26.08 -3.98 4.51
C ILE B 121 25.27 -4.77 5.53
N ALA B 122 25.82 -4.95 6.74
CA ALA B 122 25.15 -5.69 7.80
C ALA B 122 24.57 -6.97 7.21
N ALA B 123 25.37 -7.60 6.34
CA ALA B 123 24.96 -8.80 5.63
C ALA B 123 25.05 -10.13 6.39
N VAL B 124 24.14 -11.04 6.05
CA VAL B 124 24.05 -12.34 6.68
C VAL B 124 25.20 -13.34 6.50
N PRO B 125 26.00 -13.23 5.42
CA PRO B 125 27.09 -14.19 5.27
C PRO B 125 28.07 -14.11 6.44
N PRO B 126 28.81 -15.20 6.71
CA PRO B 126 28.80 -16.50 6.03
C PRO B 126 27.62 -17.42 6.31
N LEU B 127 27.24 -17.51 7.58
CA LEU B 127 26.14 -18.38 8.00
C LEU B 127 25.70 -17.92 9.38
N MET B 128 24.41 -17.62 9.54
CA MET B 128 23.89 -17.14 10.83
C MET B 128 23.60 -18.17 11.90
N VAL B 129 23.05 -19.32 11.51
CA VAL B 129 22.70 -20.35 12.47
C VAL B 129 23.88 -21.18 12.96
N GLN B 130 23.73 -21.76 14.15
CA GLN B 130 24.79 -22.59 14.72
C GLN B 130 24.74 -23.97 14.11
N THR B 131 25.90 -24.49 13.73
CA THR B 131 26.04 -25.82 13.13
C THR B 131 27.38 -26.40 13.56
N PRO B 132 27.64 -27.67 13.28
CA PRO B 132 28.92 -28.25 13.68
C PRO B 132 30.11 -27.53 13.02
N GLY B 133 29.82 -26.87 11.90
CA GLY B 133 30.87 -26.14 11.19
C GLY B 133 30.91 -24.68 11.58
N ASN B 134 29.85 -24.21 12.23
CA ASN B 134 29.76 -22.83 12.67
C ASN B 134 29.28 -22.80 14.13
N PRO B 135 30.18 -23.09 15.07
CA PRO B 135 29.84 -23.09 16.49
C PRO B 135 29.46 -21.73 17.07
N GLY B 136 29.93 -20.66 16.43
CA GLY B 136 29.62 -19.32 16.92
C GLY B 136 28.29 -18.75 16.50
N GLY B 137 27.54 -19.49 15.69
CA GLY B 137 26.25 -18.99 15.23
C GLY B 137 25.16 -19.02 16.28
N LEU B 138 23.99 -18.48 15.95
CA LEU B 138 22.85 -18.46 16.86
C LEU B 138 22.07 -19.76 16.76
N PRO B 139 21.47 -20.22 17.87
CA PRO B 139 20.70 -21.47 17.84
C PRO B 139 19.50 -21.34 16.91
N LYS B 140 19.14 -22.43 16.24
CA LYS B 140 18.02 -22.41 15.30
C LYS B 140 16.69 -22.00 15.94
N SER B 141 16.54 -22.28 17.23
CA SER B 141 15.31 -21.92 17.93
C SER B 141 14.95 -20.45 17.80
N VAL B 142 15.97 -19.58 17.75
CA VAL B 142 15.71 -18.15 17.64
C VAL B 142 14.98 -17.86 16.33
N PHE B 143 15.44 -18.46 15.25
CA PHE B 143 14.83 -18.25 13.94
C PHE B 143 13.48 -18.94 13.86
N ASP B 144 13.35 -20.09 14.54
CA ASP B 144 12.07 -20.79 14.56
C ASP B 144 11.07 -19.85 15.23
N GLY B 145 11.55 -19.12 16.23
CA GLY B 145 10.70 -18.19 16.94
C GLY B 145 10.19 -17.09 16.02
N PHE B 146 11.08 -16.58 15.17
CA PHE B 146 10.70 -15.52 14.23
C PHE B 146 9.66 -16.07 13.27
N GLN B 147 9.86 -17.29 12.80
CA GLN B 147 8.90 -17.90 11.88
C GLN B 147 7.54 -18.02 12.55
N ALA B 148 7.53 -18.41 13.82
CA ALA B 148 6.28 -18.55 14.54
C ALA B 148 5.55 -17.21 14.61
N GLN B 149 6.31 -16.13 14.80
CA GLN B 149 5.72 -14.79 14.86
C GLN B 149 5.13 -14.42 13.50
N VAL B 150 5.85 -14.72 12.44
CA VAL B 150 5.35 -14.38 11.10
C VAL B 150 4.08 -15.17 10.80
N ALA B 151 4.00 -16.39 11.31
CA ALA B 151 2.84 -17.23 11.07
C ALA B 151 1.58 -16.87 11.86
N SER B 152 1.74 -16.39 13.09
CA SER B 152 0.58 -16.09 13.92
C SER B 152 0.30 -14.64 14.35
N ASN B 153 1.27 -13.74 14.22
CA ASN B 153 1.02 -12.34 14.58
C ASN B 153 1.99 -11.44 13.84
N ARG B 154 1.95 -11.56 12.52
CA ARG B 154 2.82 -10.80 11.64
C ARG B 154 2.64 -9.29 11.75
N ALA B 155 1.39 -8.83 11.82
CA ALA B 155 1.11 -7.41 11.89
C ALA B 155 1.76 -6.71 13.10
N GLN B 156 1.73 -7.35 14.27
CA GLN B 156 2.35 -6.72 15.43
C GLN B 156 3.85 -6.96 15.46
N PHE B 157 4.27 -8.16 15.03
CA PHE B 157 5.68 -8.50 14.98
C PHE B 157 6.44 -7.50 14.09
N TYR B 158 5.81 -7.08 12.99
CA TYR B 158 6.45 -6.15 12.08
C TYR B 158 6.49 -4.72 12.60
N ARG B 159 5.96 -4.55 13.81
CA ARG B 159 5.97 -3.27 14.49
C ARG B 159 7.08 -3.44 15.54
N ASP B 160 7.04 -4.58 16.24
CA ASP B 160 8.03 -4.87 17.28
C ASP B 160 9.48 -4.84 16.81
N VAL B 161 9.77 -5.41 15.65
CA VAL B 161 11.13 -5.43 15.16
C VAL B 161 11.68 -4.03 14.88
N PRO B 162 11.01 -3.22 14.05
CA PRO B 162 11.57 -1.88 13.82
C PRO B 162 11.49 -0.94 15.01
N ALA B 163 10.55 -1.18 15.92
CA ALA B 163 10.41 -0.33 17.09
C ALA B 163 11.45 -0.71 18.14
N GLY B 164 12.00 -1.92 18.03
CA GLY B 164 12.98 -2.37 18.98
C GLY B 164 14.42 -2.49 18.49
N PRO B 165 14.87 -3.71 18.14
CA PRO B 165 16.23 -4.01 17.66
C PRO B 165 16.73 -3.51 16.31
N PHE B 166 15.87 -3.49 15.29
CA PHE B 166 16.32 -3.11 13.95
C PHE B 166 17.10 -1.81 13.82
N TYR B 167 16.57 -0.72 14.36
CA TYR B 167 17.22 0.59 14.26
C TYR B 167 17.89 1.00 15.56
N GLY B 168 17.91 0.10 16.54
CA GLY B 168 18.52 0.41 17.81
C GLY B 168 17.66 1.34 18.66
N TYR B 169 16.40 1.51 18.24
CA TYR B 169 15.46 2.37 18.95
C TYR B 169 15.17 1.89 20.37
N ASN B 170 15.51 0.65 20.69
CA ASN B 170 15.27 0.11 22.01
C ASN B 170 16.37 0.51 22.99
N ARG B 171 17.45 1.06 22.45
CA ARG B 171 18.58 1.49 23.28
C ARG B 171 18.13 2.71 24.07
N PRO B 172 18.16 2.62 25.41
CA PRO B 172 17.74 3.77 26.21
C PRO B 172 18.47 5.06 25.80
N GLY B 173 17.70 6.11 25.54
CA GLY B 173 18.29 7.38 25.14
C GLY B 173 18.08 7.73 23.68
N VAL B 174 17.81 6.73 22.84
CA VAL B 174 17.59 6.94 21.42
C VAL B 174 16.16 7.34 21.08
N GLU B 175 16.02 8.39 20.27
CA GLU B 175 14.71 8.90 19.86
C GLU B 175 14.18 8.16 18.64
N ALA B 176 13.09 7.41 18.81
CA ALA B 176 12.50 6.66 17.71
C ALA B 176 11.74 7.53 16.72
N SER B 177 11.60 7.04 15.50
CA SER B 177 10.88 7.75 14.44
C SER B 177 9.68 6.90 14.03
N GLU B 178 8.47 7.41 14.27
CA GLU B 178 7.27 6.67 13.90
C GLU B 178 7.19 6.48 12.39
N GLY B 179 7.69 7.47 11.66
CA GLY B 179 7.67 7.36 10.21
C GLY B 179 8.53 6.21 9.73
N ILE B 180 9.73 6.08 10.31
CA ILE B 180 10.64 5.02 9.92
C ILE B 180 10.10 3.65 10.33
N ILE B 181 9.54 3.57 11.53
CA ILE B 181 8.96 2.32 12.02
C ILE B 181 7.79 1.95 11.10
N GLY B 182 6.92 2.93 10.86
CA GLY B 182 5.77 2.71 10.01
C GLY B 182 6.12 2.27 8.59
N ASN B 183 7.17 2.84 8.02
CA ASN B 183 7.57 2.48 6.66
C ASN B 183 8.11 1.05 6.60
N TRP B 184 8.80 0.63 7.65
CA TRP B 184 9.35 -0.73 7.74
C TRP B 184 8.16 -1.69 7.74
N TRP B 185 7.25 -1.44 8.68
CA TRP B 185 6.03 -2.24 8.85
C TRP B 185 5.23 -2.32 7.54
N ARG B 186 5.06 -1.17 6.89
CA ARG B 186 4.32 -1.07 5.64
C ARG B 186 4.88 -1.98 4.54
N GLN B 187 6.20 -1.89 4.32
CA GLN B 187 6.85 -2.72 3.31
C GLN B 187 6.67 -4.18 3.65
N GLY B 188 6.73 -4.49 4.93
CA GLY B 188 6.56 -5.87 5.34
C GLY B 188 5.14 -6.37 5.08
N MET B 189 4.14 -5.57 5.44
CA MET B 189 2.76 -6.03 5.27
C MET B 189 2.29 -6.21 3.83
N ILE B 190 2.87 -5.49 2.88
CA ILE B 190 2.43 -5.65 1.49
C ILE B 190 3.05 -6.91 0.87
N GLY B 191 4.07 -7.46 1.54
CA GLY B 191 4.70 -8.68 1.05
C GLY B 191 3.93 -9.91 1.49
N SER B 192 4.32 -11.07 0.97
CA SER B 192 3.67 -12.34 1.28
C SER B 192 4.13 -12.93 2.62
N ALA B 193 3.18 -13.29 3.47
CA ALA B 193 3.54 -13.89 4.76
C ALA B 193 4.29 -15.20 4.53
N LYS B 194 3.93 -15.93 3.48
CA LYS B 194 4.61 -17.20 3.17
C LYS B 194 6.04 -16.92 2.71
N ALA B 195 6.20 -15.93 1.84
CA ALA B 195 7.53 -15.58 1.35
C ALA B 195 8.42 -15.17 2.52
N HIS B 196 7.86 -14.41 3.44
CA HIS B 196 8.63 -13.96 4.59
C HIS B 196 8.93 -15.11 5.53
N TYR B 197 7.96 -16.01 5.70
CA TYR B 197 8.12 -17.17 6.56
C TYR B 197 9.29 -18.03 6.08
N ASP B 198 9.27 -18.39 4.80
CA ASP B 198 10.34 -19.20 4.24
C ASP B 198 11.62 -18.39 4.17
N GLY B 199 11.49 -17.09 3.91
CA GLY B 199 12.63 -16.21 3.80
C GLY B 199 13.57 -16.20 4.99
N ILE B 200 13.04 -16.53 6.16
CA ILE B 200 13.86 -16.56 7.38
C ILE B 200 14.86 -17.70 7.28
N VAL B 201 14.41 -18.85 6.79
CA VAL B 201 15.30 -20.00 6.64
C VAL B 201 16.35 -19.63 5.58
N ALA B 202 15.90 -18.96 4.52
CA ALA B 202 16.80 -18.57 3.46
C ALA B 202 17.95 -17.69 3.95
N PHE B 203 17.66 -16.70 4.79
CA PHE B 203 18.72 -15.81 5.26
C PHE B 203 19.53 -16.29 6.45
N SER B 204 18.94 -17.12 7.31
CA SER B 204 19.65 -17.57 8.51
C SER B 204 20.32 -18.94 8.42
N GLN B 205 19.90 -19.76 7.47
CA GLN B 205 20.44 -21.10 7.38
C GLN B 205 21.15 -21.49 6.08
N THR B 206 21.52 -20.49 5.29
CA THR B 206 22.23 -20.71 4.04
C THR B 206 23.69 -20.37 4.26
N ASP B 207 24.59 -21.30 3.91
CA ASP B 207 26.02 -21.08 4.08
C ASP B 207 26.60 -20.45 2.81
N PHE B 208 27.15 -19.24 2.94
CA PHE B 208 27.72 -18.52 1.81
C PHE B 208 29.26 -18.59 1.73
N THR B 209 29.86 -19.40 2.58
CA THR B 209 31.32 -19.55 2.61
C THR B 209 31.93 -19.80 1.24
N GLU B 210 31.39 -20.78 0.54
CA GLU B 210 31.87 -21.13 -0.78
C GLU B 210 31.81 -19.94 -1.74
N ASP B 211 30.66 -19.27 -1.78
CA ASP B 211 30.48 -18.12 -2.65
C ASP B 211 31.53 -17.05 -2.36
N LEU B 212 31.74 -16.76 -1.08
CA LEU B 212 32.69 -15.74 -0.66
C LEU B 212 34.12 -16.04 -1.10
N LYS B 213 34.54 -17.29 -0.95
CA LYS B 213 35.90 -17.68 -1.32
C LYS B 213 36.17 -17.50 -2.82
N GLY B 214 35.12 -17.55 -3.62
CA GLY B 214 35.29 -17.42 -5.06
C GLY B 214 35.13 -16.03 -5.67
N ILE B 215 34.77 -15.04 -4.86
CA ILE B 215 34.60 -13.68 -5.38
C ILE B 215 35.94 -12.97 -5.42
N GLN B 216 36.42 -12.67 -6.63
CA GLN B 216 37.72 -12.01 -6.78
C GLN B 216 37.64 -10.49 -6.86
N GLN B 217 36.46 -9.96 -7.14
CA GLN B 217 36.29 -8.51 -7.24
C GLN B 217 36.45 -7.82 -5.89
N PRO B 218 36.70 -6.51 -5.91
CA PRO B 218 36.84 -5.78 -4.65
C PRO B 218 35.48 -5.77 -3.97
N VAL B 219 35.46 -6.07 -2.67
CA VAL B 219 34.21 -6.08 -1.91
C VAL B 219 34.41 -5.40 -0.57
N LEU B 220 33.48 -4.49 -0.24
CA LEU B 220 33.55 -3.79 1.04
C LEU B 220 32.48 -4.35 1.96
N VAL B 221 32.88 -4.77 3.15
CA VAL B 221 31.94 -5.31 4.12
C VAL B 221 31.72 -4.28 5.23
N MET B 222 30.52 -3.70 5.28
CA MET B 222 30.19 -2.72 6.31
C MET B 222 29.37 -3.39 7.41
N HIS B 223 29.65 -3.07 8.67
CA HIS B 223 28.89 -3.67 9.75
C HIS B 223 29.00 -2.88 11.04
N GLY B 224 27.87 -2.65 11.69
CA GLY B 224 27.88 -1.93 12.96
C GLY B 224 28.18 -2.95 14.05
N ASP B 225 28.96 -2.57 15.06
CA ASP B 225 29.28 -3.52 16.12
C ASP B 225 28.17 -3.68 17.16
N ASP B 226 27.05 -3.01 16.97
CA ASP B 226 25.91 -3.13 17.87
C ASP B 226 24.68 -3.59 17.09
N ASP B 227 24.92 -4.38 16.05
CA ASP B 227 23.84 -4.90 15.23
C ASP B 227 23.08 -5.99 15.99
N GLN B 228 21.84 -5.70 16.38
CA GLN B 228 21.02 -6.64 17.14
C GLN B 228 20.27 -7.66 16.27
N ILE B 229 20.45 -7.57 14.95
CA ILE B 229 19.77 -8.49 14.04
C ILE B 229 20.71 -9.52 13.44
N VAL B 230 21.89 -9.05 13.03
CA VAL B 230 22.90 -9.93 12.45
C VAL B 230 24.18 -9.72 13.24
N PRO B 231 24.51 -10.68 14.13
CA PRO B 231 25.71 -10.61 14.97
C PRO B 231 26.99 -10.28 14.21
N TYR B 232 27.57 -9.14 14.57
CA TYR B 232 28.81 -8.62 13.97
C TYR B 232 29.95 -9.64 13.94
N GLU B 233 30.26 -10.21 15.10
CA GLU B 233 31.35 -11.18 15.20
C GLU B 233 31.22 -12.43 14.32
N ASN B 234 30.00 -12.91 14.09
CA ASN B 234 29.81 -14.12 13.29
C ASN B 234 29.45 -13.87 11.82
N SER B 235 29.43 -12.60 11.42
CA SER B 235 29.10 -12.27 10.04
C SER B 235 30.16 -11.42 9.34
N GLY B 236 30.00 -10.10 9.40
CA GLY B 236 30.94 -9.19 8.77
C GLY B 236 32.41 -9.51 8.95
N VAL B 237 32.81 -9.77 10.19
CA VAL B 237 34.20 -10.08 10.49
C VAL B 237 34.71 -11.28 9.69
N LEU B 238 33.92 -12.35 9.65
CA LEU B 238 34.30 -13.56 8.93
C LEU B 238 34.22 -13.43 7.42
N SER B 239 33.18 -12.77 6.94
CA SER B 239 32.99 -12.60 5.50
C SER B 239 34.16 -11.85 4.87
N ALA B 240 34.57 -10.77 5.53
CA ALA B 240 35.67 -9.96 5.03
C ALA B 240 36.95 -10.78 4.86
N LYS B 241 37.19 -11.71 5.78
CA LYS B 241 38.39 -12.55 5.72
C LYS B 241 38.33 -13.65 4.67
N LEU B 242 37.12 -14.15 4.39
CA LEU B 242 36.97 -15.21 3.39
C LEU B 242 37.10 -14.64 1.98
N LEU B 243 36.67 -13.40 1.80
CA LEU B 243 36.75 -12.71 0.51
C LEU B 243 38.21 -12.40 0.18
N PRO B 244 38.75 -12.98 -0.91
CA PRO B 244 40.14 -12.71 -1.27
C PRO B 244 40.49 -11.23 -1.39
N ASN B 245 39.55 -10.44 -1.92
CA ASN B 245 39.78 -9.00 -2.06
C ASN B 245 38.75 -8.22 -1.24
N GLY B 246 38.43 -8.74 -0.05
CA GLY B 246 37.47 -8.09 0.81
C GLY B 246 38.12 -7.22 1.87
N ALA B 247 37.35 -6.26 2.37
CA ALA B 247 37.83 -5.36 3.42
C ALA B 247 36.69 -5.06 4.38
N LEU B 248 37.01 -4.96 5.66
CA LEU B 248 36.01 -4.69 6.68
C LEU B 248 35.98 -3.24 7.13
N LYS B 249 34.77 -2.72 7.29
CA LYS B 249 34.55 -1.34 7.74
C LYS B 249 33.58 -1.45 8.91
N THR B 250 34.11 -1.29 10.12
CA THR B 250 33.31 -1.39 11.32
C THR B 250 32.82 -0.04 11.83
N TYR B 251 31.53 0.01 12.18
CA TYR B 251 30.93 1.24 12.70
C TYR B 251 30.54 1.04 14.16
N LYS B 252 31.28 1.67 15.07
CA LYS B 252 31.00 1.53 16.49
C LYS B 252 29.64 2.08 16.89
N GLY B 253 28.88 1.26 17.62
CA GLY B 253 27.56 1.66 18.10
C GLY B 253 26.43 1.68 17.09
N TYR B 254 26.73 1.42 15.82
CA TYR B 254 25.70 1.44 14.78
C TYR B 254 24.77 0.23 14.78
N PRO B 255 23.49 0.47 14.46
CA PRO B 255 22.46 -0.57 14.41
C PRO B 255 22.40 -1.26 13.05
N HIS B 256 21.54 -2.28 12.96
CA HIS B 256 21.38 -3.04 11.73
C HIS B 256 20.90 -2.14 10.60
N GLY B 257 19.97 -1.23 10.91
CA GLY B 257 19.43 -0.35 9.90
C GLY B 257 20.19 0.96 9.75
N MET B 258 21.51 0.92 9.93
CA MET B 258 22.32 2.11 9.81
C MET B 258 22.21 2.86 8.48
N PRO B 259 21.93 2.15 7.37
CA PRO B 259 21.82 2.88 6.10
C PRO B 259 20.69 3.91 6.11
N THR B 260 19.74 3.73 7.01
CA THR B 260 18.61 4.65 7.12
C THR B 260 18.81 5.72 8.19
N THR B 261 19.30 5.32 9.37
CA THR B 261 19.51 6.26 10.46
C THR B 261 20.85 6.99 10.44
N HIS B 262 21.77 6.53 9.60
CA HIS B 262 23.08 7.16 9.46
C HIS B 262 23.43 7.22 7.98
N ALA B 263 22.47 7.64 7.18
CA ALA B 263 22.64 7.73 5.73
C ALA B 263 23.84 8.56 5.30
N ASP B 264 24.00 9.75 5.88
CA ASP B 264 25.12 10.62 5.52
C ASP B 264 26.46 9.92 5.60
N VAL B 265 26.70 9.26 6.72
CA VAL B 265 27.96 8.55 6.91
C VAL B 265 28.10 7.34 5.99
N ILE B 266 27.07 6.51 5.93
CA ILE B 266 27.13 5.34 5.07
C ILE B 266 27.23 5.70 3.59
N ASN B 267 26.46 6.71 3.16
CA ASN B 267 26.50 7.12 1.76
C ASN B 267 27.89 7.65 1.38
N ALA B 268 28.50 8.41 2.28
CA ALA B 268 29.82 8.97 2.02
C ALA B 268 30.85 7.86 1.87
N ASP B 269 30.81 6.86 2.76
CA ASP B 269 31.75 5.75 2.70
C ASP B 269 31.50 4.85 1.50
N LEU B 270 30.23 4.64 1.15
CA LEU B 270 29.90 3.82 -0.01
C LEU B 270 30.47 4.47 -1.25
N LEU B 271 30.28 5.78 -1.37
CA LEU B 271 30.77 6.53 -2.51
C LEU B 271 32.29 6.44 -2.64
N ALA B 272 32.99 6.59 -1.51
CA ALA B 272 34.45 6.53 -1.51
C ALA B 272 34.96 5.19 -2.04
N PHE B 273 34.25 4.11 -1.70
CA PHE B 273 34.64 2.79 -2.16
C PHE B 273 34.21 2.55 -3.60
N ILE B 274 33.00 2.96 -3.93
CA ILE B 274 32.45 2.78 -5.27
C ILE B 274 33.12 3.65 -6.33
N ARG B 275 33.28 4.92 -6.03
CA ARG B 275 33.90 5.83 -7.00
C ARG B 275 35.42 5.84 -6.83
N SER C 2 -1.77 -12.47 -8.38
CA SER C 2 -2.35 -12.86 -9.70
C SER C 2 -3.71 -12.22 -9.88
N TYR C 3 -4.17 -12.18 -11.14
CA TYR C 3 -5.45 -11.58 -11.47
C TYR C 3 -6.28 -12.41 -12.42
N VAL C 4 -7.59 -12.25 -12.33
CA VAL C 4 -8.52 -12.91 -13.24
C VAL C 4 -9.51 -11.82 -13.66
N THR C 5 -9.90 -11.84 -14.93
CA THR C 5 -10.84 -10.85 -15.43
C THR C 5 -12.23 -11.49 -15.41
N THR C 6 -13.20 -10.81 -14.81
CA THR C 6 -14.56 -11.33 -14.71
C THR C 6 -15.32 -11.12 -16.02
N LYS C 7 -16.51 -11.72 -16.10
CA LYS C 7 -17.35 -11.61 -17.29
C LYS C 7 -17.72 -10.17 -17.58
N ASP C 8 -17.82 -9.36 -16.54
CA ASP C 8 -18.17 -7.96 -16.70
C ASP C 8 -16.98 -7.01 -16.68
N GLY C 9 -15.80 -7.56 -16.93
CA GLY C 9 -14.58 -6.76 -17.01
C GLY C 9 -13.88 -6.23 -15.77
N VAL C 10 -14.07 -6.89 -14.63
CA VAL C 10 -13.44 -6.48 -13.39
C VAL C 10 -12.18 -7.30 -13.15
N GLN C 11 -11.10 -6.66 -12.69
CA GLN C 11 -9.85 -7.35 -12.41
C GLN C 11 -9.86 -7.77 -10.93
N ILE C 12 -9.96 -9.08 -10.69
CA ILE C 12 -9.97 -9.59 -9.32
C ILE C 12 -8.61 -10.15 -8.94
N PHE C 13 -8.02 -9.59 -7.89
CA PHE C 13 -6.72 -10.05 -7.41
C PHE C 13 -6.89 -11.24 -6.50
N TYR C 14 -5.92 -12.15 -6.53
CA TYR C 14 -5.99 -13.31 -5.65
C TYR C 14 -4.62 -13.86 -5.32
N LYS C 15 -4.59 -14.60 -4.21
CA LYS C 15 -3.41 -15.30 -3.74
C LYS C 15 -3.75 -16.75 -3.90
N ASP C 16 -2.77 -17.54 -4.31
CA ASP C 16 -2.95 -18.97 -4.54
C ASP C 16 -1.64 -19.63 -4.11
N TRP C 17 -1.64 -20.23 -2.93
CA TRP C 17 -0.43 -20.85 -2.40
C TRP C 17 -0.59 -22.34 -2.14
N GLY C 18 0.50 -23.08 -2.34
CA GLY C 18 0.48 -24.52 -2.10
C GLY C 18 0.49 -25.37 -3.35
N PRO C 19 0.66 -26.68 -3.19
CA PRO C 19 0.68 -27.60 -4.34
C PRO C 19 -0.58 -27.46 -5.18
N ARG C 20 -0.41 -27.38 -6.49
CA ARG C 20 -1.54 -27.22 -7.41
C ARG C 20 -2.60 -28.29 -7.21
N ASP C 21 -2.17 -29.52 -6.88
CA ASP C 21 -3.11 -30.62 -6.69
C ASP C 21 -3.48 -30.95 -5.26
N ALA C 22 -3.11 -30.10 -4.31
CA ALA C 22 -3.47 -30.34 -2.92
C ALA C 22 -4.93 -29.94 -2.72
N PRO C 23 -5.61 -30.52 -1.71
CA PRO C 23 -7.00 -30.18 -1.46
C PRO C 23 -7.08 -28.66 -1.21
N VAL C 24 -8.12 -28.02 -1.74
CA VAL C 24 -8.23 -26.58 -1.64
C VAL C 24 -9.18 -25.97 -0.61
N ILE C 25 -8.76 -24.86 -0.03
CA ILE C 25 -9.60 -24.09 0.88
C ILE C 25 -9.55 -22.68 0.30
N HIS C 26 -10.72 -22.14 -0.01
CA HIS C 26 -10.87 -20.81 -0.56
C HIS C 26 -11.42 -19.92 0.55
N PHE C 27 -10.67 -18.87 0.90
CA PHE C 27 -11.03 -17.95 1.96
C PHE C 27 -11.63 -16.66 1.42
N HIS C 28 -12.70 -16.19 2.06
CA HIS C 28 -13.42 -14.97 1.65
C HIS C 28 -13.42 -13.96 2.79
N HIS C 29 -12.71 -12.84 2.58
CA HIS C 29 -12.57 -11.80 3.60
C HIS C 29 -13.81 -10.95 3.85
N GLY C 30 -13.81 -10.23 4.97
CA GLY C 30 -14.92 -9.37 5.32
C GLY C 30 -14.77 -7.93 4.85
N TRP C 31 -15.75 -7.11 5.20
CA TRP C 31 -15.76 -5.69 4.85
C TRP C 31 -14.93 -4.91 5.87
N PRO C 32 -14.10 -3.95 5.42
CA PRO C 32 -13.80 -3.47 4.06
C PRO C 32 -12.34 -3.87 3.82
N LEU C 33 -12.05 -5.13 4.09
CA LEU C 33 -10.70 -5.64 4.00
C LEU C 33 -10.20 -6.21 2.67
N SER C 34 -9.41 -7.28 2.76
CA SER C 34 -8.82 -7.91 1.58
C SER C 34 -8.30 -9.29 1.96
N ALA C 35 -7.72 -9.99 0.98
CA ALA C 35 -7.17 -11.33 1.20
C ALA C 35 -6.02 -11.29 2.23
N ASP C 36 -5.45 -10.11 2.45
CA ASP C 36 -4.37 -9.98 3.43
C ASP C 36 -4.85 -10.23 4.86
N ASP C 37 -6.17 -10.21 5.05
CA ASP C 37 -6.70 -10.41 6.39
C ASP C 37 -6.64 -11.87 6.83
N TRP C 38 -6.23 -12.76 5.92
CA TRP C 38 -6.17 -14.18 6.23
C TRP C 38 -4.80 -14.77 6.52
N ASP C 39 -3.77 -13.93 6.64
CA ASP C 39 -2.41 -14.43 6.89
C ASP C 39 -2.28 -15.67 7.79
N ALA C 40 -2.76 -15.56 9.03
CA ALA C 40 -2.66 -16.66 9.97
C ALA C 40 -3.31 -17.95 9.47
N GLN C 41 -4.46 -17.84 8.83
CA GLN C 41 -5.14 -19.02 8.30
C GLN C 41 -4.42 -19.60 7.09
N LEU C 42 -3.95 -18.73 6.19
CA LEU C 42 -3.27 -19.22 5.01
C LEU C 42 -2.03 -20.04 5.38
N LEU C 43 -1.21 -19.50 6.28
CA LEU C 43 0.00 -20.21 6.68
C LEU C 43 -0.30 -21.50 7.43
N PHE C 44 -1.33 -21.46 8.29
CA PHE C 44 -1.69 -22.63 9.07
C PHE C 44 -2.13 -23.76 8.15
N PHE C 45 -3.01 -23.46 7.21
CA PHE C 45 -3.48 -24.53 6.35
C PHE C 45 -2.47 -24.99 5.33
N LEU C 46 -1.53 -24.13 4.97
CA LEU C 46 -0.46 -24.53 4.05
C LEU C 46 0.36 -25.58 4.80
N ALA C 47 0.64 -25.28 6.07
CA ALA C 47 1.43 -26.17 6.92
C ALA C 47 0.71 -27.46 7.25
N HIS C 48 -0.58 -27.52 6.92
CA HIS C 48 -1.36 -28.72 7.19
C HIS C 48 -1.84 -29.44 5.93
N GLY C 49 -1.10 -29.26 4.83
CA GLY C 49 -1.39 -29.95 3.59
C GLY C 49 -2.37 -29.41 2.56
N TYR C 50 -2.80 -28.16 2.71
CA TYR C 50 -3.76 -27.62 1.76
C TYR C 50 -3.21 -26.58 0.80
N ARG C 51 -3.95 -26.37 -0.28
CA ARG C 51 -3.63 -25.34 -1.25
C ARG C 51 -4.62 -24.29 -0.77
N VAL C 52 -4.14 -23.07 -0.54
CA VAL C 52 -5.01 -22.02 -0.05
C VAL C 52 -5.17 -20.90 -1.07
N VAL C 53 -6.41 -20.48 -1.24
CA VAL C 53 -6.75 -19.42 -2.18
C VAL C 53 -7.54 -18.35 -1.47
N ALA C 54 -7.21 -17.09 -1.74
CA ALA C 54 -7.92 -15.98 -1.14
C ALA C 54 -7.91 -14.81 -2.13
N HIS C 55 -9.08 -14.29 -2.48
CA HIS C 55 -9.14 -13.17 -3.42
C HIS C 55 -9.67 -11.91 -2.77
N ASP C 56 -9.39 -10.77 -3.41
CA ASP C 56 -9.87 -9.48 -2.93
C ASP C 56 -11.22 -9.22 -3.60
N ARG C 57 -12.23 -8.89 -2.80
CA ARG C 57 -13.57 -8.58 -3.33
C ARG C 57 -13.42 -7.40 -4.29
N ARG C 58 -14.28 -7.32 -5.30
CA ARG C 58 -14.20 -6.22 -6.25
C ARG C 58 -14.17 -4.87 -5.53
N GLY C 59 -13.27 -3.99 -5.96
CA GLY C 59 -13.18 -2.69 -5.32
C GLY C 59 -12.47 -2.72 -3.98
N HIS C 60 -11.99 -3.89 -3.57
CA HIS C 60 -11.28 -4.03 -2.29
C HIS C 60 -9.83 -4.40 -2.58
N GLY C 61 -8.96 -4.06 -1.63
CA GLY C 61 -7.55 -4.40 -1.77
C GLY C 61 -6.89 -4.02 -3.09
N ARG C 62 -6.47 -5.04 -3.84
CA ARG C 62 -5.79 -4.86 -5.11
C ARG C 62 -6.69 -5.10 -6.33
N SER C 63 -7.94 -5.44 -6.08
CA SER C 63 -8.87 -5.65 -7.19
C SER C 63 -9.28 -4.30 -7.74
N SER C 64 -9.72 -4.28 -9.00
CA SER C 64 -10.09 -3.03 -9.63
C SER C 64 -11.18 -2.27 -8.89
N GLN C 65 -11.03 -0.96 -8.84
CA GLN C 65 -12.01 -0.11 -8.18
C GLN C 65 -13.17 0.22 -9.11
N VAL C 66 -13.90 -0.82 -9.52
CA VAL C 66 -15.05 -0.66 -10.39
C VAL C 66 -16.10 0.07 -9.56
N TRP C 67 -16.81 1.01 -10.17
CA TRP C 67 -17.80 1.78 -9.41
C TRP C 67 -19.14 1.14 -9.15
N ASP C 68 -19.49 0.10 -9.92
CA ASP C 68 -20.79 -0.54 -9.75
C ASP C 68 -20.76 -2.06 -9.59
N GLY C 69 -21.94 -2.64 -9.40
CA GLY C 69 -22.04 -4.07 -9.23
C GLY C 69 -21.64 -4.53 -7.84
N HIS C 70 -21.81 -3.64 -6.86
CA HIS C 70 -21.45 -3.95 -5.48
C HIS C 70 -22.62 -4.54 -4.70
N ASP C 71 -22.95 -5.78 -5.06
CA ASP C 71 -24.01 -6.52 -4.41
C ASP C 71 -23.59 -7.98 -4.33
N MET C 72 -24.26 -8.74 -3.47
CA MET C 72 -23.94 -10.15 -3.26
C MET C 72 -23.92 -11.01 -4.53
N ASP C 73 -24.84 -10.74 -5.46
CA ASP C 73 -24.88 -11.52 -6.70
C ASP C 73 -23.60 -11.33 -7.51
N HIS C 74 -23.11 -10.09 -7.58
CA HIS C 74 -21.88 -9.82 -8.31
C HIS C 74 -20.69 -10.43 -7.55
N TYR C 75 -20.70 -10.29 -6.22
CA TYR C 75 -19.62 -10.85 -5.41
C TYR C 75 -19.53 -12.35 -5.68
N ALA C 76 -20.69 -13.01 -5.70
CA ALA C 76 -20.76 -14.45 -5.94
C ALA C 76 -20.26 -14.81 -7.33
N ASP C 77 -20.65 -14.03 -8.33
CA ASP C 77 -20.21 -14.31 -9.69
C ASP C 77 -18.70 -14.07 -9.81
N ASP C 78 -18.17 -13.12 -9.04
CA ASP C 78 -16.74 -12.86 -9.09
C ASP C 78 -16.02 -14.09 -8.49
N VAL C 79 -16.64 -14.70 -7.48
CA VAL C 79 -16.07 -15.91 -6.86
C VAL C 79 -16.03 -16.99 -7.93
N ALA C 80 -17.12 -17.12 -8.67
CA ALA C 80 -17.22 -18.12 -9.72
C ALA C 80 -16.11 -17.94 -10.74
N ALA C 81 -15.76 -16.69 -11.03
CA ALA C 81 -14.70 -16.40 -11.98
C ALA C 81 -13.34 -16.90 -11.49
N VAL C 82 -13.06 -16.68 -10.21
CA VAL C 82 -11.81 -17.13 -9.62
C VAL C 82 -11.76 -18.65 -9.64
N VAL C 83 -12.83 -19.28 -9.16
CA VAL C 83 -12.90 -20.73 -9.10
C VAL C 83 -12.71 -21.39 -10.46
N ALA C 84 -13.43 -20.89 -11.47
CA ALA C 84 -13.30 -21.48 -12.80
C ALA C 84 -11.92 -21.21 -13.39
N HIS C 85 -11.37 -20.03 -13.11
CA HIS C 85 -10.05 -19.66 -13.61
C HIS C 85 -8.98 -20.63 -13.11
N LEU C 86 -9.06 -20.97 -11.83
CA LEU C 86 -8.08 -21.86 -11.22
C LEU C 86 -8.46 -23.34 -11.25
N GLY C 87 -9.71 -23.62 -11.60
CA GLY C 87 -10.16 -25.00 -11.65
C GLY C 87 -10.22 -25.61 -10.26
N ILE C 88 -10.63 -24.79 -9.29
CA ILE C 88 -10.71 -25.27 -7.91
C ILE C 88 -12.13 -25.60 -7.44
N GLN C 89 -12.96 -26.11 -8.35
CA GLN C 89 -14.30 -26.48 -7.95
C GLN C 89 -14.20 -27.62 -6.94
N GLY C 90 -15.21 -27.73 -6.06
CA GLY C 90 -15.20 -28.78 -5.06
C GLY C 90 -14.41 -28.42 -3.82
N ALA C 91 -13.84 -27.24 -3.80
CA ALA C 91 -13.05 -26.77 -2.65
C ALA C 91 -13.90 -26.50 -1.41
N VAL C 92 -13.23 -26.37 -0.27
CA VAL C 92 -13.92 -26.02 0.97
C VAL C 92 -13.89 -24.49 0.97
N HIS C 93 -15.01 -23.85 1.30
CA HIS C 93 -15.06 -22.39 1.33
C HIS C 93 -15.26 -21.86 2.74
N VAL C 94 -14.39 -20.94 3.13
CA VAL C 94 -14.42 -20.32 4.45
C VAL C 94 -14.68 -18.82 4.29
N GLY C 95 -15.70 -18.31 4.96
CA GLY C 95 -16.03 -16.90 4.87
C GLY C 95 -16.19 -16.20 6.20
N HIS C 96 -15.53 -15.06 6.35
CA HIS C 96 -15.61 -14.27 7.57
C HIS C 96 -16.49 -13.03 7.34
N SER C 97 -17.38 -12.75 8.30
CA SER C 97 -18.25 -11.59 8.22
C SER C 97 -18.96 -11.48 6.86
N THR C 98 -18.77 -10.37 6.16
CA THR C 98 -19.38 -10.19 4.85
C THR C 98 -19.02 -11.36 3.94
N GLY C 99 -17.81 -11.89 4.12
CA GLY C 99 -17.37 -13.00 3.31
C GLY C 99 -18.22 -14.25 3.49
N GLY C 100 -18.83 -14.38 4.66
CA GLY C 100 -19.70 -15.52 4.92
C GLY C 100 -20.96 -15.39 4.08
N GLY C 101 -21.41 -14.16 3.90
CA GLY C 101 -22.58 -13.93 3.08
C GLY C 101 -22.23 -14.30 1.66
N GLU C 102 -21.05 -13.87 1.22
CA GLU C 102 -20.57 -14.17 -0.12
C GLU C 102 -20.50 -15.68 -0.36
N VAL C 103 -20.04 -16.42 0.63
CA VAL C 103 -19.94 -17.88 0.52
C VAL C 103 -21.33 -18.51 0.34
N VAL C 104 -22.25 -18.10 1.19
CA VAL C 104 -23.62 -18.61 1.16
C VAL C 104 -24.31 -18.27 -0.16
N ARG C 105 -24.16 -17.03 -0.61
CA ARG C 105 -24.79 -16.65 -1.87
C ARG C 105 -24.11 -17.39 -3.03
N TYR C 106 -22.82 -17.68 -2.90
CA TYR C 106 -22.13 -18.40 -3.95
C TYR C 106 -22.64 -19.84 -4.04
N MET C 107 -22.76 -20.49 -2.89
CA MET C 107 -23.24 -21.86 -2.84
C MET C 107 -24.69 -21.98 -3.24
N ALA C 108 -25.40 -20.86 -3.24
CA ALA C 108 -26.81 -20.86 -3.61
C ALA C 108 -27.01 -20.64 -5.10
N ARG C 109 -26.33 -19.66 -5.69
CA ARG C 109 -26.49 -19.42 -7.12
C ARG C 109 -25.52 -20.15 -8.03
N HIS C 110 -24.54 -20.83 -7.44
CA HIS C 110 -23.58 -21.59 -8.24
C HIS C 110 -23.46 -23.04 -7.77
N PRO C 111 -24.60 -23.77 -7.74
CA PRO C 111 -24.60 -25.16 -7.31
C PRO C 111 -23.77 -26.08 -8.21
N GLU C 112 -23.48 -25.64 -9.42
CA GLU C 112 -22.71 -26.46 -10.35
C GLU C 112 -21.33 -26.76 -9.75
N ASP C 113 -20.89 -25.91 -8.84
CA ASP C 113 -19.61 -26.12 -8.16
C ASP C 113 -19.95 -26.94 -6.92
N LYS C 114 -19.60 -28.21 -6.95
CA LYS C 114 -19.89 -29.12 -5.85
C LYS C 114 -19.02 -28.87 -4.62
N VAL C 115 -19.19 -27.71 -4.00
CA VAL C 115 -18.43 -27.34 -2.81
C VAL C 115 -18.53 -28.46 -1.77
N ALA C 116 -17.39 -28.89 -1.24
CA ALA C 116 -17.35 -29.98 -0.26
C ALA C 116 -18.00 -29.60 1.08
N LYS C 117 -17.47 -28.56 1.71
CA LYS C 117 -17.98 -28.09 2.99
C LYS C 117 -17.80 -26.58 3.02
N ALA C 118 -18.41 -25.94 4.01
CA ALA C 118 -18.29 -24.49 4.15
C ALA C 118 -18.17 -24.12 5.61
N VAL C 119 -17.53 -22.99 5.87
CA VAL C 119 -17.37 -22.51 7.23
C VAL C 119 -17.74 -21.04 7.25
N LEU C 120 -18.66 -20.68 8.13
CA LEU C 120 -19.08 -19.30 8.27
C LEU C 120 -18.55 -18.80 9.61
N ILE C 121 -17.70 -17.79 9.57
CA ILE C 121 -17.13 -17.24 10.78
C ILE C 121 -17.67 -15.84 11.01
N ALA C 122 -18.46 -15.68 12.07
CA ALA C 122 -19.07 -14.40 12.41
C ALA C 122 -19.67 -13.76 11.16
N ALA C 123 -20.38 -14.58 10.38
CA ALA C 123 -20.98 -14.14 9.14
C ALA C 123 -22.29 -13.39 9.28
N VAL C 124 -22.54 -12.48 8.34
CA VAL C 124 -23.73 -11.65 8.33
C VAL C 124 -25.09 -12.34 8.16
N PRO C 125 -25.15 -13.49 7.45
CA PRO C 125 -26.46 -14.14 7.28
C PRO C 125 -27.16 -14.40 8.62
N PRO C 126 -28.50 -14.53 8.61
CA PRO C 126 -29.39 -14.44 7.45
C PRO C 126 -29.67 -13.02 6.98
N LEU C 127 -29.77 -12.08 7.92
CA LEU C 127 -30.04 -10.69 7.59
C LEU C 127 -29.71 -9.78 8.76
N MET C 128 -29.09 -8.63 8.46
CA MET C 128 -28.73 -7.68 9.50
C MET C 128 -29.70 -6.52 9.61
N VAL C 129 -30.29 -6.12 8.50
CA VAL C 129 -31.23 -4.99 8.50
C VAL C 129 -32.61 -5.43 9.00
N GLN C 130 -33.38 -4.46 9.49
CA GLN C 130 -34.71 -4.74 10.01
C GLN C 130 -35.79 -4.71 8.93
N THR C 131 -36.65 -5.73 8.95
CA THR C 131 -37.75 -5.84 8.01
C THR C 131 -38.92 -6.47 8.76
N PRO C 132 -40.13 -6.46 8.17
CA PRO C 132 -41.26 -7.05 8.89
C PRO C 132 -40.99 -8.53 9.19
N GLY C 133 -40.19 -9.16 8.34
CA GLY C 133 -39.86 -10.57 8.52
C GLY C 133 -38.71 -10.75 9.51
N ASN C 134 -37.88 -9.72 9.65
CA ASN C 134 -36.76 -9.76 10.57
C ASN C 134 -36.80 -8.54 11.48
N PRO C 135 -37.75 -8.53 12.43
CA PRO C 135 -37.92 -7.41 13.37
C PRO C 135 -36.71 -7.21 14.27
N GLY C 136 -35.87 -8.24 14.37
CA GLY C 136 -34.68 -8.15 15.21
C GLY C 136 -33.50 -7.55 14.48
N GLY C 137 -33.71 -7.18 13.23
CA GLY C 137 -32.62 -6.58 12.45
C GLY C 137 -32.32 -5.18 12.90
N LEU C 138 -31.02 -4.83 12.94
CA LEU C 138 -30.60 -3.50 13.35
C LEU C 138 -31.19 -2.43 12.44
N PRO C 139 -31.46 -1.24 13.00
CA PRO C 139 -32.03 -0.14 12.21
C PRO C 139 -31.02 0.43 11.21
N LYS C 140 -31.50 0.70 10.00
CA LYS C 140 -30.66 1.24 8.94
C LYS C 140 -29.90 2.47 9.40
N SER C 141 -30.51 3.25 10.30
CA SER C 141 -29.87 4.47 10.80
C SER C 141 -28.42 4.22 11.20
N VAL C 142 -28.15 3.02 11.70
CA VAL C 142 -26.80 2.66 12.10
C VAL C 142 -25.95 2.46 10.85
N PHE C 143 -26.52 1.79 9.84
CA PHE C 143 -25.82 1.54 8.59
C PHE C 143 -25.70 2.83 7.77
N ASP C 144 -26.80 3.57 7.67
CA ASP C 144 -26.80 4.83 6.93
C ASP C 144 -25.68 5.67 7.54
N GLY C 145 -25.56 5.58 8.86
CA GLY C 145 -24.54 6.31 9.57
C GLY C 145 -23.16 5.84 9.17
N PHE C 146 -22.99 4.52 9.02
CA PHE C 146 -21.69 3.99 8.62
C PHE C 146 -21.36 4.48 7.22
N GLN C 147 -22.35 4.52 6.34
CA GLN C 147 -22.12 5.00 4.98
C GLN C 147 -21.68 6.45 5.00
N ALA C 148 -22.26 7.24 5.91
CA ALA C 148 -21.90 8.65 6.03
C ALA C 148 -20.45 8.78 6.47
N GLN C 149 -20.03 7.89 7.37
CA GLN C 149 -18.65 7.90 7.85
C GLN C 149 -17.71 7.54 6.72
N VAL C 150 -18.08 6.53 5.94
CA VAL C 150 -17.26 6.12 4.81
C VAL C 150 -17.14 7.24 3.80
N ALA C 151 -18.23 7.97 3.60
CA ALA C 151 -18.25 9.08 2.64
C ALA C 151 -17.60 10.38 3.10
N SER C 152 -17.65 10.68 4.39
CA SER C 152 -17.10 11.93 4.91
C SER C 152 -15.82 11.90 5.73
N ASN C 153 -15.45 10.74 6.27
CA ASN C 153 -14.21 10.66 7.05
C ASN C 153 -13.76 9.21 7.13
N ARG C 154 -13.49 8.62 5.98
CA ARG C 154 -13.08 7.23 5.91
C ARG C 154 -11.76 6.93 6.60
N ALA C 155 -10.78 7.83 6.48
CA ALA C 155 -9.47 7.61 7.09
C ALA C 155 -9.52 7.39 8.59
N GLN C 156 -10.29 8.22 9.29
CA GLN C 156 -10.41 8.09 10.73
C GLN C 156 -11.38 6.99 11.13
N PHE C 157 -12.45 6.85 10.36
CA PHE C 157 -13.44 5.82 10.64
C PHE C 157 -12.77 4.45 10.61
N TYR C 158 -11.84 4.27 9.68
CA TYR C 158 -11.14 2.99 9.54
C TYR C 158 -10.08 2.75 10.63
N ARG C 159 -9.94 3.72 11.52
CA ARG C 159 -9.05 3.62 12.66
C ARG C 159 -9.98 3.26 13.82
N ASP C 160 -11.07 4.01 13.92
CA ASP C 160 -12.06 3.80 14.99
C ASP C 160 -12.64 2.40 15.09
N VAL C 161 -13.04 1.82 13.96
CA VAL C 161 -13.64 0.50 13.97
C VAL C 161 -12.73 -0.60 14.54
N PRO C 162 -11.51 -0.74 14.01
CA PRO C 162 -10.63 -1.78 14.55
C PRO C 162 -10.04 -1.44 15.92
N ALA C 163 -9.98 -0.15 16.24
CA ALA C 163 -9.42 0.26 17.53
C ALA C 163 -10.45 0.07 18.64
N GLY C 164 -11.72 -0.05 18.23
CA GLY C 164 -12.77 -0.20 19.23
C GLY C 164 -13.50 -1.53 19.26
N PRO C 165 -14.63 -1.63 18.57
CA PRO C 165 -15.48 -2.83 18.50
C PRO C 165 -15.03 -4.06 17.72
N PHE C 166 -14.34 -3.87 16.61
CA PHE C 166 -13.94 -5.01 15.78
C PHE C 166 -13.19 -6.15 16.47
N TYR C 167 -12.13 -5.82 17.21
CA TYR C 167 -11.31 -6.82 17.89
C TYR C 167 -11.54 -6.90 19.39
N GLY C 168 -12.52 -6.15 19.89
CA GLY C 168 -12.79 -6.16 21.32
C GLY C 168 -11.72 -5.44 22.12
N TYR C 169 -10.94 -4.60 21.45
CA TYR C 169 -9.90 -3.84 22.11
C TYR C 169 -10.47 -2.76 23.02
N ASN C 170 -11.78 -2.54 22.92
CA ASN C 170 -12.42 -1.53 23.75
C ASN C 170 -12.91 -2.14 25.07
N ARG C 171 -12.70 -3.45 25.23
CA ARG C 171 -13.11 -4.12 26.46
C ARG C 171 -12.08 -3.87 27.57
N PRO C 172 -12.51 -3.93 28.84
CA PRO C 172 -11.60 -3.71 29.97
C PRO C 172 -10.45 -4.69 30.09
N GLY C 173 -9.26 -4.15 30.36
CA GLY C 173 -8.08 -4.98 30.53
C GLY C 173 -7.47 -5.53 29.25
N VAL C 174 -8.15 -5.31 28.11
CA VAL C 174 -7.66 -5.80 26.83
C VAL C 174 -6.57 -4.91 26.23
N GLU C 175 -5.42 -5.49 25.96
CA GLU C 175 -4.30 -4.74 25.38
C GLU C 175 -4.45 -4.72 23.86
N ALA C 176 -4.53 -3.52 23.28
CA ALA C 176 -4.69 -3.37 21.85
C ALA C 176 -3.36 -3.54 21.10
N SER C 177 -3.46 -3.94 19.85
CA SER C 177 -2.30 -4.12 19.00
C SER C 177 -2.36 -3.08 17.89
N GLU C 178 -1.40 -2.15 17.89
CA GLU C 178 -1.37 -1.10 16.87
C GLU C 178 -1.11 -1.73 15.51
N GLY C 179 -0.32 -2.80 15.49
CA GLY C 179 -0.03 -3.46 14.22
C GLY C 179 -1.31 -4.02 13.61
N ILE C 180 -2.12 -4.68 14.43
CA ILE C 180 -3.37 -5.24 13.95
C ILE C 180 -4.33 -4.11 13.54
N ILE C 181 -4.41 -3.07 14.36
CA ILE C 181 -5.29 -1.95 14.03
C ILE C 181 -4.84 -1.33 12.70
N GLY C 182 -3.54 -1.08 12.60
CA GLY C 182 -3.02 -0.49 11.37
C GLY C 182 -3.23 -1.32 10.13
N ASN C 183 -3.10 -2.64 10.26
CA ASN C 183 -3.27 -3.50 9.10
C ASN C 183 -4.72 -3.50 8.63
N TRP C 184 -5.66 -3.42 9.57
CA TRP C 184 -7.08 -3.36 9.24
C TRP C 184 -7.27 -2.06 8.44
N TRP C 185 -6.81 -0.96 9.03
CA TRP C 185 -6.90 0.36 8.42
C TRP C 185 -6.27 0.37 7.03
N ARG C 186 -5.07 -0.19 6.92
CA ARG C 186 -4.34 -0.25 5.65
C ARG C 186 -5.12 -0.93 4.54
N GLN C 187 -5.67 -2.10 4.83
CA GLN C 187 -6.45 -2.84 3.84
C GLN C 187 -7.68 -2.04 3.43
N GLY C 188 -8.25 -1.31 4.36
CA GLY C 188 -9.41 -0.51 4.04
C GLY C 188 -9.06 0.66 3.14
N MET C 189 -7.99 1.38 3.47
CA MET C 189 -7.63 2.53 2.67
C MET C 189 -7.22 2.26 1.23
N ILE C 190 -6.65 1.10 0.93
CA ILE C 190 -6.27 0.82 -0.45
C ILE C 190 -7.48 0.42 -1.29
N GLY C 191 -8.59 0.14 -0.62
CA GLY C 191 -9.80 -0.23 -1.34
C GLY C 191 -10.55 1.02 -1.77
N SER C 192 -11.58 0.84 -2.60
CA SER C 192 -12.39 1.95 -3.10
C SER C 192 -13.41 2.45 -2.08
N ALA C 193 -13.46 3.75 -1.86
CA ALA C 193 -14.43 4.32 -0.93
C ALA C 193 -15.83 4.02 -1.46
N LYS C 194 -15.96 4.01 -2.78
CA LYS C 194 -17.25 3.75 -3.44
C LYS C 194 -17.69 2.29 -3.21
N ALA C 195 -16.75 1.36 -3.40
CA ALA C 195 -17.05 -0.05 -3.21
C ALA C 195 -17.42 -0.32 -1.75
N HIS C 196 -16.70 0.33 -0.84
CA HIS C 196 -16.98 0.14 0.57
C HIS C 196 -18.31 0.77 0.95
N TYR C 197 -18.62 1.92 0.35
CA TYR C 197 -19.87 2.62 0.62
C TYR C 197 -21.07 1.76 0.24
N ASP C 198 -21.09 1.29 -1.01
CA ASP C 198 -22.18 0.45 -1.48
C ASP C 198 -22.12 -0.89 -0.75
N GLY C 199 -20.90 -1.33 -0.44
CA GLY C 199 -20.72 -2.60 0.23
C GLY C 199 -21.49 -2.75 1.53
N ILE C 200 -21.76 -1.64 2.20
CA ILE C 200 -22.51 -1.69 3.44
C ILE C 200 -23.94 -2.15 3.16
N VAL C 201 -24.51 -1.69 2.06
CA VAL C 201 -25.87 -2.08 1.70
C VAL C 201 -25.84 -3.57 1.36
N ALA C 202 -24.79 -3.99 0.67
CA ALA C 202 -24.64 -5.39 0.26
C ALA C 202 -24.62 -6.37 1.42
N PHE C 203 -23.87 -6.08 2.48
CA PHE C 203 -23.79 -7.01 3.60
C PHE C 203 -24.83 -6.81 4.69
N SER C 204 -25.49 -5.66 4.70
CA SER C 204 -26.50 -5.38 5.74
C SER C 204 -27.93 -5.58 5.28
N GLN C 205 -28.20 -5.32 4.00
CA GLN C 205 -29.56 -5.44 3.49
C GLN C 205 -29.85 -6.59 2.54
N THR C 206 -29.03 -7.62 2.57
CA THR C 206 -29.24 -8.77 1.71
C THR C 206 -29.74 -9.90 2.60
N ASP C 207 -30.88 -10.50 2.22
CA ASP C 207 -31.47 -11.59 2.99
C ASP C 207 -31.00 -12.95 2.49
N PHE C 208 -30.24 -13.65 3.33
CA PHE C 208 -29.68 -14.95 3.01
C PHE C 208 -30.49 -16.12 3.55
N THR C 209 -31.67 -15.83 4.09
CA THR C 209 -32.51 -16.90 4.64
C THR C 209 -32.76 -18.00 3.63
N GLU C 210 -33.18 -17.62 2.43
CA GLU C 210 -33.45 -18.57 1.36
C GLU C 210 -32.23 -19.44 1.06
N ASP C 211 -31.07 -18.81 0.88
CA ASP C 211 -29.85 -19.53 0.57
C ASP C 211 -29.48 -20.56 1.63
N LEU C 212 -29.52 -20.17 2.89
CA LEU C 212 -29.18 -21.06 4.00
C LEU C 212 -30.00 -22.35 4.00
N LYS C 213 -31.29 -22.22 3.70
CA LYS C 213 -32.19 -23.37 3.67
C LYS C 213 -31.87 -24.38 2.58
N GLY C 214 -31.31 -23.90 1.48
CA GLY C 214 -30.98 -24.77 0.37
C GLY C 214 -29.64 -25.47 0.44
N ILE C 215 -28.75 -24.98 1.30
CA ILE C 215 -27.43 -25.57 1.46
C ILE C 215 -27.47 -26.88 2.23
N GLN C 216 -27.18 -27.99 1.55
CA GLN C 216 -27.21 -29.31 2.18
C GLN C 216 -25.84 -29.81 2.67
N GLN C 217 -24.76 -29.18 2.23
CA GLN C 217 -23.42 -29.59 2.63
C GLN C 217 -23.16 -29.31 4.10
N PRO C 218 -22.17 -29.98 4.69
CA PRO C 218 -21.86 -29.73 6.10
C PRO C 218 -21.35 -28.29 6.21
N VAL C 219 -21.91 -27.53 7.14
CA VAL C 219 -21.47 -26.15 7.33
C VAL C 219 -21.24 -25.87 8.80
N LEU C 220 -20.07 -25.36 9.12
CA LEU C 220 -19.74 -25.03 10.49
C LEU C 220 -19.88 -23.53 10.66
N VAL C 221 -20.59 -23.13 11.71
CA VAL C 221 -20.78 -21.72 12.01
C VAL C 221 -20.01 -21.41 13.29
N MET C 222 -19.02 -20.52 13.18
CA MET C 222 -18.21 -20.13 14.32
C MET C 222 -18.59 -18.70 14.66
N HIS C 223 -18.95 -18.46 15.92
CA HIS C 223 -19.34 -17.12 16.31
C HIS C 223 -18.99 -16.82 17.76
N GLY C 224 -18.45 -15.64 17.99
CA GLY C 224 -18.09 -15.24 19.34
C GLY C 224 -19.30 -14.57 19.97
N ASP C 225 -19.63 -14.94 21.21
CA ASP C 225 -20.79 -14.37 21.88
C ASP C 225 -20.65 -12.90 22.26
N ASP C 226 -19.46 -12.34 22.10
CA ASP C 226 -19.25 -10.93 22.42
C ASP C 226 -18.90 -10.15 21.16
N ASP C 227 -19.40 -10.63 20.03
CA ASP C 227 -19.16 -10.00 18.72
C ASP C 227 -19.93 -8.69 18.66
N GLN C 228 -19.21 -7.56 18.65
CA GLN C 228 -19.84 -6.26 18.63
C GLN C 228 -20.18 -5.76 17.22
N ILE C 229 -19.93 -6.56 16.20
CA ILE C 229 -20.21 -6.15 14.83
C ILE C 229 -21.32 -6.96 14.15
N VAL C 230 -21.31 -8.27 14.36
CA VAL C 230 -22.32 -9.14 13.78
C VAL C 230 -22.94 -9.96 14.91
N PRO C 231 -24.26 -9.80 15.12
CA PRO C 231 -25.03 -10.48 16.16
C PRO C 231 -24.84 -12.00 16.28
N TYR C 232 -24.42 -12.42 17.47
CA TYR C 232 -24.20 -13.83 17.77
C TYR C 232 -25.46 -14.66 17.55
N GLU C 233 -26.56 -14.24 18.17
CA GLU C 233 -27.83 -14.96 18.06
C GLU C 233 -28.57 -14.68 16.76
N ASN C 234 -28.83 -13.41 16.48
CA ASN C 234 -29.56 -13.01 15.29
C ASN C 234 -28.91 -13.43 13.97
N SER C 235 -27.59 -13.65 14.00
CA SER C 235 -26.88 -14.07 12.79
C SER C 235 -26.35 -15.49 12.91
N GLY C 236 -25.40 -15.67 13.83
CA GLY C 236 -24.78 -16.97 14.03
C GLY C 236 -25.69 -18.13 14.42
N VAL C 237 -26.31 -18.03 15.58
CA VAL C 237 -27.19 -19.10 16.05
C VAL C 237 -28.31 -19.40 15.07
N LEU C 238 -28.95 -18.34 14.55
CA LEU C 238 -30.04 -18.51 13.60
C LEU C 238 -29.53 -19.17 12.32
N SER C 239 -28.33 -18.77 11.87
CA SER C 239 -27.77 -19.36 10.66
C SER C 239 -27.57 -20.86 10.81
N ALA C 240 -27.01 -21.26 11.95
CA ALA C 240 -26.78 -22.67 12.20
C ALA C 240 -28.10 -23.43 12.24
N LYS C 241 -29.14 -22.76 12.76
CA LYS C 241 -30.47 -23.36 12.87
C LYS C 241 -31.09 -23.56 11.48
N LEU C 242 -30.98 -22.55 10.62
CA LEU C 242 -31.55 -22.63 9.28
C LEU C 242 -30.83 -23.59 8.34
N LEU C 243 -29.52 -23.76 8.56
CA LEU C 243 -28.74 -24.68 7.72
C LEU C 243 -29.09 -26.13 8.09
N PRO C 244 -29.65 -26.88 7.14
CA PRO C 244 -30.04 -28.27 7.38
C PRO C 244 -28.94 -29.15 7.98
N ASN C 245 -27.70 -28.89 7.60
CA ASN C 245 -26.57 -29.65 8.12
C ASN C 245 -25.55 -28.71 8.73
N GLY C 246 -26.05 -27.67 9.39
CA GLY C 246 -25.17 -26.70 10.02
C GLY C 246 -24.89 -27.08 11.46
N ALA C 247 -23.72 -26.67 11.94
CA ALA C 247 -23.31 -26.93 13.31
C ALA C 247 -22.81 -25.62 13.89
N LEU C 248 -23.11 -25.35 15.14
CA LEU C 248 -22.68 -24.12 15.77
C LEU C 248 -21.52 -24.32 16.73
N LYS C 249 -20.54 -23.42 16.63
CA LYS C 249 -19.36 -23.43 17.47
C LYS C 249 -19.32 -22.05 18.12
N THR C 250 -19.59 -22.01 19.43
CA THR C 250 -19.61 -20.75 20.15
C THR C 250 -18.32 -20.49 20.91
N TYR C 251 -17.85 -19.25 20.87
CA TYR C 251 -16.63 -18.87 21.57
C TYR C 251 -16.96 -17.76 22.57
N LYS C 252 -16.88 -18.11 23.85
CA LYS C 252 -17.20 -17.17 24.91
C LYS C 252 -16.26 -15.96 25.01
N GLY C 253 -16.86 -14.77 24.98
CA GLY C 253 -16.10 -13.54 25.08
C GLY C 253 -15.29 -13.13 23.86
N TYR C 254 -15.30 -13.97 22.83
CA TYR C 254 -14.55 -13.66 21.61
C TYR C 254 -15.16 -12.51 20.80
N PRO C 255 -14.30 -11.73 20.12
CA PRO C 255 -14.73 -10.60 19.30
C PRO C 255 -15.01 -10.99 17.84
N HIS C 256 -15.39 -10.01 17.04
CA HIS C 256 -15.68 -10.23 15.63
C HIS C 256 -14.43 -10.68 14.87
N GLY C 257 -13.29 -10.09 15.21
CA GLY C 257 -12.06 -10.45 14.53
C GLY C 257 -11.29 -11.58 15.19
N MET C 258 -12.02 -12.56 15.72
CA MET C 258 -11.36 -13.69 16.39
C MET C 258 -10.41 -14.53 15.54
N PRO C 259 -10.60 -14.57 14.20
CA PRO C 259 -9.64 -15.40 13.47
C PRO C 259 -8.22 -14.83 13.50
N THR C 260 -8.13 -13.55 13.86
CA THR C 260 -6.85 -12.86 13.95
C THR C 260 -6.29 -12.88 15.38
N THR C 261 -7.12 -12.51 16.35
CA THR C 261 -6.70 -12.47 17.74
C THR C 261 -6.72 -13.81 18.48
N HIS C 262 -7.39 -14.80 17.89
CA HIS C 262 -7.44 -16.15 18.48
C HIS C 262 -7.24 -17.17 17.37
N ALA C 263 -6.22 -16.92 16.54
CA ALA C 263 -5.89 -17.79 15.42
C ALA C 263 -5.67 -19.24 15.79
N ASP C 264 -4.90 -19.49 16.85
CA ASP C 264 -4.64 -20.85 17.30
C ASP C 264 -5.92 -21.64 17.50
N VAL C 265 -6.79 -21.14 18.37
CA VAL C 265 -8.05 -21.82 18.64
C VAL C 265 -8.89 -22.00 17.38
N ILE C 266 -9.11 -20.92 16.65
CA ILE C 266 -9.92 -20.99 15.44
C ILE C 266 -9.36 -21.94 14.39
N ASN C 267 -8.06 -21.89 14.14
CA ASN C 267 -7.46 -22.78 13.14
C ASN C 267 -7.61 -24.25 13.52
N ALA C 268 -7.37 -24.57 14.79
CA ALA C 268 -7.47 -25.94 15.25
C ALA C 268 -8.89 -26.47 15.06
N ASP C 269 -9.87 -25.68 15.44
CA ASP C 269 -11.26 -26.10 15.29
C ASP C 269 -11.68 -26.15 13.84
N LEU C 270 -11.14 -25.23 13.03
CA LEU C 270 -11.46 -25.20 11.61
C LEU C 270 -10.95 -26.47 10.94
N LEU C 271 -9.72 -26.85 11.28
CA LEU C 271 -9.11 -28.05 10.71
C LEU C 271 -9.89 -29.30 11.12
N ALA C 272 -10.25 -29.37 12.40
CA ALA C 272 -10.99 -30.53 12.89
C ALA C 272 -12.29 -30.73 12.10
N PHE C 273 -12.98 -29.63 11.80
CA PHE C 273 -14.22 -29.72 11.04
C PHE C 273 -13.98 -30.18 9.61
N ILE C 274 -12.99 -29.56 8.96
CA ILE C 274 -12.66 -29.89 7.58
C ILE C 274 -12.29 -31.36 7.39
N ARG C 275 -11.47 -31.89 8.29
CA ARG C 275 -11.05 -33.28 8.20
C ARG C 275 -12.20 -34.20 8.60
N SER C 276 -13.34 -33.59 8.86
CA SER C 276 -14.56 -34.30 9.26
C SER C 276 -14.49 -34.64 10.74
#